data_8YT2
#
_entry.id   8YT2
#
_cell.length_a   104.002
_cell.length_b   151.647
_cell.length_c   154.105
_cell.angle_alpha   90.00
_cell.angle_beta   90.00
_cell.angle_gamma   90.00
#
_symmetry.space_group_name_H-M   'C 2 2 21'
#
loop_
_entity.id
_entity.type
_entity.pdbx_description
1 polymer '2-amino-3-carboxymuconate 6-semialdehyde decarboxylase'
2 non-polymer 'ZINC ION'
3 water water
#
_entity_poly.entity_id   1
_entity_poly.type   'polypeptide(L)'
_entity_poly.pdbx_seq_one_letter_code
;MKKPRIDMHSHFFPRISEQEAAKFDANHAPWLQVSAKGDTGSIMMGKNNFRPVYQALWDPAFRIEEMDAQGVDVQVTCAT
PVMFGYTWEANKAAQWAERMNDFALEFAAHNPQRIKVLAQVPLQDLDLACKEASRAVAAGHLGIQIGNHLGDKDLDDATL
EAFLTHCANEDIPILVHPWDMMGGQRMKKWMLPALVAMPAETQLAILSLILSGAFERIPKSLKICFGHGGGSFAFLLGRV
DNAWRHRDIVREDCPRPPSEYVDRFFVDSAVFNPGALELLVSVMGEDRVMLGSDYPFPLGEQKIGGLVLSSNLGESAKDK
IISGNASKFFNINV
;
_entity_poly.pdbx_strand_id   A,B,C
#
loop_
_chem_comp.id
_chem_comp.type
_chem_comp.name
_chem_comp.formula
ZN non-polymer 'ZINC ION' 'Zn 2'
#
# COMPACT_ATOMS: atom_id res chain seq x y z
N PRO A 4 5.10 -22.60 -41.75
CA PRO A 4 5.04 -22.84 -40.30
C PRO A 4 3.59 -22.87 -39.81
N ARG A 5 3.32 -23.55 -38.68
CA ARG A 5 1.94 -23.75 -38.22
C ARG A 5 1.88 -23.63 -36.72
N ILE A 6 1.05 -22.70 -36.23
CA ILE A 6 0.89 -22.44 -34.80
C ILE A 6 -0.55 -22.76 -34.40
N ASP A 7 -0.70 -23.50 -33.32
CA ASP A 7 -2.00 -23.77 -32.70
C ASP A 7 -2.00 -23.04 -31.37
N MET A 8 -2.79 -21.96 -31.26
CA MET A 8 -2.73 -21.13 -30.06
C MET A 8 -3.84 -21.41 -29.06
N HIS A 9 -4.64 -22.46 -29.26
CA HIS A 9 -5.64 -22.81 -28.27
C HIS A 9 -5.53 -24.29 -27.96
N SER A 10 -4.96 -24.61 -26.80
CA SER A 10 -4.84 -25.98 -26.34
C SER A 10 -4.61 -25.96 -24.85
N HIS A 11 -4.73 -27.12 -24.22
CA HIS A 11 -4.69 -27.21 -22.77
C HIS A 11 -3.71 -28.26 -22.30
N PHE A 12 -3.25 -28.10 -21.06
CA PHE A 12 -2.44 -29.10 -20.38
C PHE A 12 -3.01 -29.28 -18.99
N PHE A 13 -2.54 -30.33 -18.31
CA PHE A 13 -2.87 -30.53 -16.91
C PHE A 13 -1.63 -31.16 -16.29
N PRO A 14 -1.12 -30.61 -15.19
CA PRO A 14 0.16 -31.07 -14.65
C PRO A 14 0.02 -32.33 -13.79
N ARG A 15 1.16 -33.00 -13.58
CA ARG A 15 1.24 -34.20 -12.74
C ARG A 15 1.19 -33.80 -11.28
N ILE A 16 -0.02 -33.47 -10.82
CA ILE A 16 -0.27 -33.11 -9.43
C ILE A 16 -0.72 -34.36 -8.70
N SER A 17 -0.12 -34.61 -7.53
CA SER A 17 -0.50 -35.74 -6.70
C SER A 17 -1.63 -35.35 -5.79
N GLU A 18 -2.34 -36.36 -5.29
CA GLU A 18 -3.43 -36.12 -4.34
C GLU A 18 -2.93 -35.34 -3.13
N GLN A 19 -1.76 -35.70 -2.60
CA GLN A 19 -1.22 -35.02 -1.43
C GLN A 19 -0.81 -33.60 -1.75
N GLU A 20 -0.21 -33.39 -2.93
CA GLU A 20 0.10 -32.03 -3.38
C GLU A 20 -1.16 -31.15 -3.33
N ALA A 21 -2.26 -31.66 -3.89
CA ALA A 21 -3.49 -30.89 -3.96
C ALA A 21 -4.10 -30.69 -2.59
N ALA A 22 -4.02 -31.71 -1.73
CA ALA A 22 -4.62 -31.62 -0.41
C ALA A 22 -3.96 -30.54 0.44
N LYS A 23 -2.67 -30.27 0.23
CA LYS A 23 -2.01 -29.17 0.91
C LYS A 23 -2.66 -27.83 0.62
N PHE A 24 -3.43 -27.74 -0.47
CA PHE A 24 -4.22 -26.55 -0.79
C PHE A 24 -5.67 -26.72 -0.38
N ASP A 25 -6.29 -27.83 -0.80
CA ASP A 25 -7.69 -28.06 -0.53
C ASP A 25 -8.05 -29.50 -0.89
N ALA A 26 -8.36 -30.31 0.12
CA ALA A 26 -8.66 -31.71 -0.12
C ALA A 26 -9.88 -31.89 -1.03
N ASN A 27 -10.79 -30.93 -1.07
CA ASN A 27 -12.05 -31.11 -1.77
C ASN A 27 -12.12 -30.45 -3.14
N HIS A 28 -11.42 -29.33 -3.35
CA HIS A 28 -11.62 -28.56 -4.56
C HIS A 28 -10.36 -28.36 -5.40
N ALA A 29 -9.19 -28.72 -4.89
CA ALA A 29 -7.99 -28.60 -5.70
C ALA A 29 -7.89 -29.84 -6.58
N PRO A 30 -7.85 -29.70 -7.90
CA PRO A 30 -7.76 -30.87 -8.78
C PRO A 30 -6.37 -31.49 -8.79
N TRP A 31 -6.33 -32.77 -9.18
CA TRP A 31 -5.07 -33.49 -9.33
C TRP A 31 -5.23 -34.58 -10.38
N LEU A 32 -4.09 -35.19 -10.75
CA LEU A 32 -4.05 -36.13 -11.87
C LEU A 32 -3.68 -37.52 -11.38
N GLN A 33 -4.53 -38.49 -11.73
CA GLN A 33 -4.30 -39.91 -11.51
C GLN A 33 -4.01 -40.58 -12.86
N VAL A 34 -2.80 -41.13 -13.00
CA VAL A 34 -2.29 -41.67 -14.26
C VAL A 34 -2.13 -43.18 -14.11
N SER A 35 -2.77 -43.94 -15.03
CA SER A 35 -2.76 -45.41 -14.98
C SER A 35 -2.58 -46.06 -16.35
N ALA A 36 -3.28 -47.18 -16.58
CA ALA A 36 -3.15 -47.98 -17.81
C ALA A 36 -1.72 -48.30 -18.18
N GLY A 38 1.36 -45.41 -18.94
CA GLY A 38 0.38 -44.34 -18.83
C GLY A 38 -0.32 -43.87 -20.10
N ASP A 39 -1.39 -44.56 -20.51
CA ASP A 39 -2.19 -44.16 -21.67
C ASP A 39 -3.36 -43.28 -21.29
N THR A 40 -4.03 -43.61 -20.21
CA THR A 40 -5.21 -42.91 -19.76
C THR A 40 -4.99 -42.39 -18.34
N GLY A 41 -5.95 -41.58 -17.92
CA GLY A 41 -5.86 -40.95 -16.61
C GLY A 41 -7.10 -40.11 -16.40
N SER A 42 -7.14 -39.47 -15.25
CA SER A 42 -8.34 -38.73 -14.87
C SER A 42 -7.96 -37.54 -14.00
N ILE A 43 -8.44 -36.36 -14.41
CA ILE A 43 -8.46 -35.23 -13.49
C ILE A 43 -9.35 -35.61 -12.33
N MET A 44 -8.80 -35.55 -11.13
CA MET A 44 -9.48 -35.92 -9.90
C MET A 44 -9.77 -34.66 -9.09
N MET A 45 -10.83 -34.72 -8.28
CA MET A 45 -11.06 -33.70 -7.27
C MET A 45 -11.45 -34.39 -5.97
N GLY A 46 -10.68 -34.13 -4.92
CA GLY A 46 -10.84 -34.87 -3.69
C GLY A 46 -10.53 -36.33 -3.88
N LYS A 47 -11.52 -37.19 -3.57
CA LYS A 47 -11.44 -38.59 -3.94
C LYS A 47 -12.36 -38.94 -5.10
N ASN A 48 -13.15 -37.98 -5.59
CA ASN A 48 -14.08 -38.22 -6.69
C ASN A 48 -13.40 -37.99 -8.04
N ASN A 49 -13.83 -38.77 -9.03
CA ASN A 49 -13.38 -38.60 -10.41
C ASN A 49 -14.08 -37.39 -11.03
N PHE A 50 -13.31 -36.53 -11.70
CA PHE A 50 -13.83 -35.30 -12.29
C PHE A 50 -13.98 -35.38 -13.80
N ARG A 51 -12.94 -35.83 -14.51
CA ARG A 51 -13.00 -35.93 -15.97
C ARG A 51 -11.94 -36.90 -16.50
N PRO A 52 -12.32 -37.82 -17.39
CA PRO A 52 -11.31 -38.70 -17.99
C PRO A 52 -10.50 -37.95 -19.04
N VAL A 53 -9.19 -38.15 -19.01
CA VAL A 53 -8.27 -37.47 -19.91
C VAL A 53 -7.27 -38.49 -20.44
N TYR A 54 -6.55 -38.10 -21.47
CA TYR A 54 -5.54 -38.99 -21.98
C TYR A 54 -4.18 -38.28 -21.99
N GLN A 55 -3.18 -39.03 -22.43
CA GLN A 55 -1.78 -38.80 -22.07
C GLN A 55 -1.23 -37.49 -22.62
N ALA A 56 -1.71 -37.06 -23.79
CA ALA A 56 -1.17 -35.84 -24.38
C ALA A 56 -1.42 -34.63 -23.49
N LEU A 57 -2.46 -34.69 -22.65
CA LEU A 57 -2.78 -33.57 -21.77
C LEU A 57 -1.67 -33.31 -20.75
N TRP A 58 -0.97 -34.35 -20.32
CA TRP A 58 0.02 -34.22 -19.25
C TRP A 58 1.45 -34.57 -19.66
N ASP A 59 1.66 -35.12 -20.85
CA ASP A 59 2.97 -35.66 -21.24
C ASP A 59 3.54 -34.85 -22.39
N PRO A 60 4.48 -33.95 -22.14
CA PRO A 60 5.03 -33.14 -23.24
C PRO A 60 5.72 -33.98 -24.31
N ALA A 61 6.40 -35.07 -23.93
CA ALA A 61 7.07 -35.91 -24.93
C ALA A 61 6.05 -36.56 -25.86
N PHE A 62 5.08 -37.27 -25.30
CA PHE A 62 4.02 -37.83 -26.13
C PHE A 62 3.35 -36.75 -26.98
N ARG A 63 3.11 -35.57 -26.38
CA ARG A 63 2.46 -34.51 -27.13
C ARG A 63 3.28 -34.09 -28.35
N ILE A 64 4.60 -34.01 -28.21
CA ILE A 64 5.42 -33.60 -29.35
C ILE A 64 5.28 -34.59 -30.50
N GLU A 65 5.13 -35.89 -30.16
CA GLU A 65 4.93 -36.89 -31.20
C GLU A 65 3.66 -36.62 -31.99
N GLU A 66 2.55 -36.39 -31.29
CA GLU A 66 1.30 -36.06 -31.97
C GLU A 66 1.42 -34.75 -32.76
N MET A 67 2.08 -33.75 -32.19
CA MET A 67 2.26 -32.49 -32.92
C MET A 67 3.00 -32.73 -34.23
N ASP A 68 4.07 -33.53 -34.18
CA ASP A 68 4.78 -33.89 -35.41
C ASP A 68 3.85 -34.54 -36.42
N ALA A 69 3.03 -35.49 -35.97
CA ALA A 69 2.10 -36.18 -36.86
C ALA A 69 1.09 -35.19 -37.45
N GLN A 70 0.58 -34.26 -36.64
CA GLN A 70 -0.41 -33.30 -37.11
C GLN A 70 0.18 -32.22 -37.97
N GLY A 71 1.51 -32.10 -38.01
CA GLY A 71 2.13 -30.98 -38.66
C GLY A 71 2.05 -29.67 -37.90
N VAL A 72 1.90 -29.71 -36.58
CA VAL A 72 1.90 -28.48 -35.77
C VAL A 72 3.34 -28.21 -35.32
N ASP A 73 3.88 -27.07 -35.76
CA ASP A 73 5.23 -26.68 -35.38
C ASP A 73 5.29 -26.14 -33.96
N VAL A 74 4.43 -25.18 -33.63
CA VAL A 74 4.39 -24.55 -32.32
C VAL A 74 2.98 -24.68 -31.76
N GLN A 75 2.86 -25.16 -30.53
CA GLN A 75 1.58 -25.15 -29.84
C GLN A 75 1.65 -24.25 -28.62
N VAL A 76 0.68 -23.37 -28.48
CA VAL A 76 0.51 -22.56 -27.28
C VAL A 76 -0.48 -23.29 -26.39
N THR A 77 -0.11 -23.51 -25.14
CA THR A 77 -0.99 -24.28 -24.28
C THR A 77 -1.16 -23.56 -22.95
N CYS A 78 -2.21 -23.93 -22.22
CA CYS A 78 -2.57 -23.20 -21.01
C CYS A 78 -3.44 -24.09 -20.14
N ALA A 79 -3.66 -23.64 -18.91
CA ALA A 79 -4.41 -24.42 -17.91
C ALA A 79 -5.71 -24.97 -18.47
N THR A 80 -6.07 -26.15 -17.95
CA THR A 80 -7.44 -26.61 -18.05
C THR A 80 -8.27 -25.77 -17.09
N PRO A 81 -9.42 -25.23 -17.52
CA PRO A 81 -10.14 -24.26 -16.67
C PRO A 81 -10.51 -24.76 -15.29
N VAL A 82 -10.63 -26.08 -15.09
CA VAL A 82 -10.84 -26.59 -13.74
C VAL A 82 -9.70 -26.18 -12.80
N MET A 83 -8.56 -25.75 -13.34
CA MET A 83 -7.45 -25.32 -12.50
C MET A 83 -7.57 -23.88 -12.02
N PHE A 84 -8.59 -23.13 -12.45
CA PHE A 84 -8.58 -21.67 -12.28
C PHE A 84 -8.61 -21.28 -10.81
N GLY A 85 -9.51 -21.89 -10.04
CA GLY A 85 -9.55 -21.63 -8.61
C GLY A 85 -10.07 -20.26 -8.25
N TYR A 86 -11.05 -19.76 -9.00
CA TYR A 86 -11.51 -18.40 -8.79
C TYR A 86 -12.37 -18.26 -7.53
N THR A 87 -12.92 -19.35 -7.01
CA THR A 87 -13.70 -19.28 -5.79
C THR A 87 -12.86 -19.38 -4.52
N TRP A 88 -11.56 -19.65 -4.62
CA TRP A 88 -10.75 -19.87 -3.43
C TRP A 88 -10.44 -18.55 -2.73
N GLU A 89 -10.06 -18.65 -1.46
CA GLU A 89 -9.47 -17.52 -0.75
C GLU A 89 -8.29 -16.99 -1.57
N ALA A 90 -8.16 -15.65 -1.60
CA ALA A 90 -7.32 -15.03 -2.62
C ALA A 90 -5.86 -15.44 -2.48
N ASN A 91 -5.33 -15.42 -1.26
CA ASN A 91 -3.90 -15.71 -1.09
C ASN A 91 -3.58 -17.16 -1.41
N LYS A 92 -4.44 -18.09 -1.01
CA LYS A 92 -4.26 -19.48 -1.40
C LYS A 92 -4.33 -19.64 -2.92
N ALA A 93 -5.27 -18.95 -3.56
CA ALA A 93 -5.39 -19.01 -5.01
C ALA A 93 -4.16 -18.45 -5.72
N ALA A 94 -3.53 -17.44 -5.14
CA ALA A 94 -2.33 -16.87 -5.74
C ALA A 94 -1.15 -17.82 -5.63
N GLN A 95 -1.06 -18.54 -4.51
CA GLN A 95 -0.03 -19.55 -4.37
C GLN A 95 -0.26 -20.70 -5.33
N TRP A 96 -1.52 -21.12 -5.49
CA TRP A 96 -1.87 -22.12 -6.50
C TRP A 96 -1.49 -21.64 -7.90
N ALA A 97 -1.87 -20.40 -8.25
CA ALA A 97 -1.58 -19.89 -9.59
C ALA A 97 -0.09 -19.95 -9.88
N GLU A 98 0.75 -19.56 -8.91
CA GLU A 98 2.18 -19.56 -9.14
C GLU A 98 2.71 -20.97 -9.31
N ARG A 99 2.16 -21.92 -8.54
CA ARG A 99 2.57 -23.31 -8.68
C ARG A 99 2.16 -23.86 -10.04
N MET A 100 0.92 -23.56 -10.48
CA MET A 100 0.45 -24.04 -11.77
C MET A 100 1.24 -23.41 -12.91
N ASN A 101 1.57 -22.12 -12.79
CA ASN A 101 2.35 -21.47 -13.83
C ASN A 101 3.79 -21.98 -13.86
N ASP A 102 4.33 -22.40 -12.73
CA ASP A 102 5.66 -23.03 -12.75
C ASP A 102 5.60 -24.41 -13.42
N PHE A 103 4.58 -25.22 -13.07
CA PHE A 103 4.34 -26.48 -13.79
C PHE A 103 4.27 -26.26 -15.28
N ALA A 104 3.55 -25.22 -15.72
CA ALA A 104 3.40 -24.96 -17.16
C ALA A 104 4.75 -24.73 -17.80
N LEU A 105 5.61 -23.94 -17.14
CA LEU A 105 6.93 -23.67 -17.70
C LEU A 105 7.78 -24.94 -17.73
N GLU A 106 7.58 -25.83 -16.76
CA GLU A 106 8.27 -27.11 -16.76
C GLU A 106 7.80 -27.99 -17.92
N PHE A 107 6.49 -28.00 -18.18
CA PHE A 107 5.94 -28.66 -19.36
C PHE A 107 6.61 -28.14 -20.62
N ALA A 108 6.61 -26.81 -20.79
CA ALA A 108 7.22 -26.19 -21.97
C ALA A 108 8.72 -26.41 -22.04
N ALA A 109 9.42 -26.48 -20.90
CA ALA A 109 10.87 -26.65 -20.90
C ALA A 109 11.30 -27.90 -21.65
N HIS A 110 10.42 -28.90 -21.75
CA HIS A 110 10.68 -30.12 -22.54
CA HIS A 110 10.83 -30.09 -22.49
C HIS A 110 11.11 -29.77 -23.96
N ASN A 111 10.53 -28.71 -24.51
CA ASN A 111 10.84 -28.19 -25.83
C ASN A 111 10.30 -26.77 -25.96
N PRO A 112 10.98 -25.78 -25.37
CA PRO A 112 10.42 -24.42 -25.35
C PRO A 112 10.35 -23.77 -26.71
N GLN A 113 11.01 -24.32 -27.72
CA GLN A 113 10.90 -23.76 -29.07
C GLN A 113 9.55 -24.09 -29.71
N ARG A 114 8.92 -25.18 -29.28
CA ARG A 114 7.71 -25.67 -29.91
C ARG A 114 6.51 -25.69 -28.97
N ILE A 115 6.72 -25.57 -27.66
CA ILE A 115 5.65 -25.51 -26.69
C ILE A 115 5.75 -24.19 -25.94
N LYS A 116 4.77 -23.31 -26.16
CA LYS A 116 4.61 -22.07 -25.41
C LYS A 116 3.46 -22.19 -24.42
N VAL A 117 3.53 -21.43 -23.32
CA VAL A 117 2.50 -21.53 -22.29
C VAL A 117 1.96 -20.14 -21.96
N LEU A 118 0.66 -20.09 -21.63
CA LEU A 118 0.01 -18.94 -21.03
C LEU A 118 -0.31 -19.24 -19.57
N ALA A 119 -0.41 -18.19 -18.77
CA ALA A 119 -0.53 -18.37 -17.32
C ALA A 119 -1.97 -18.15 -16.85
N GLN A 120 -2.26 -18.68 -15.67
CA GLN A 120 -3.49 -18.34 -14.96
C GLN A 120 -3.17 -17.30 -13.89
N VAL A 121 -4.20 -16.59 -13.43
CA VAL A 121 -4.04 -15.58 -12.36
C VAL A 121 -5.16 -15.71 -11.36
N PRO A 122 -4.89 -15.31 -10.10
CA PRO A 122 -5.95 -15.28 -9.06
C PRO A 122 -6.88 -14.08 -9.24
N LEU A 123 -7.77 -14.20 -10.23
CA LEU A 123 -8.58 -13.06 -10.68
C LEU A 123 -9.49 -12.52 -9.58
N GLN A 124 -9.73 -13.29 -8.52
CA GLN A 124 -10.57 -12.76 -7.44
C GLN A 124 -9.90 -11.65 -6.62
N ASP A 125 -8.63 -11.33 -6.88
CA ASP A 125 -7.98 -10.19 -6.21
C ASP A 125 -7.12 -9.46 -7.23
N LEU A 126 -7.58 -8.28 -7.66
CA LEU A 126 -6.93 -7.57 -8.77
C LEU A 126 -5.43 -7.39 -8.55
N ASP A 127 -5.01 -7.00 -7.34
CA ASP A 127 -3.58 -6.75 -7.12
C ASP A 127 -2.77 -8.04 -7.28
N LEU A 128 -3.23 -9.13 -6.67
CA LEU A 128 -2.50 -10.39 -6.81
C LEU A 128 -2.49 -10.88 -8.26
N ALA A 129 -3.58 -10.64 -8.99
CA ALA A 129 -3.69 -11.10 -10.38
C ALA A 129 -2.72 -10.35 -11.28
N CYS A 130 -2.69 -9.03 -11.13
CA CYS A 130 -1.75 -8.20 -11.87
C CYS A 130 -0.32 -8.60 -11.57
N LYS A 131 -0.01 -8.90 -10.30
CA LYS A 131 1.36 -9.26 -9.94
C LYS A 131 1.75 -10.62 -10.54
N GLU A 132 0.85 -11.61 -10.50
CA GLU A 132 1.19 -12.91 -11.06
C GLU A 132 1.30 -12.85 -12.58
N ALA A 133 0.44 -12.07 -13.23
CA ALA A 133 0.54 -11.90 -14.67
C ALA A 133 1.93 -11.40 -15.07
N SER A 134 2.40 -10.31 -14.46
CA SER A 134 3.73 -9.79 -14.78
C SER A 134 4.81 -10.81 -14.42
N ARG A 135 4.65 -11.52 -13.29
CA ARG A 135 5.67 -12.48 -12.86
C ARG A 135 5.74 -13.66 -13.81
N ALA A 136 4.59 -14.20 -14.19
CA ALA A 136 4.57 -15.35 -15.11
C ALA A 136 5.16 -14.97 -16.46
N VAL A 137 4.77 -13.81 -17.00
CA VAL A 137 5.32 -13.40 -18.29
C VAL A 137 6.82 -13.15 -18.18
N ALA A 138 7.26 -12.51 -17.09
CA ALA A 138 8.70 -12.32 -16.89
C ALA A 138 9.43 -13.66 -16.88
N ALA A 139 8.84 -14.67 -16.26
CA ALA A 139 9.43 -16.00 -16.20
C ALA A 139 9.33 -16.80 -17.51
N GLY A 140 8.67 -16.29 -18.54
CA GLY A 140 8.62 -17.04 -19.79
C GLY A 140 7.23 -17.29 -20.39
N HIS A 141 6.16 -17.03 -19.66
CA HIS A 141 4.85 -17.17 -20.29
C HIS A 141 4.68 -16.11 -21.37
N LEU A 142 3.89 -16.45 -22.41
CA LEU A 142 3.65 -15.52 -23.51
C LEU A 142 2.38 -14.71 -23.31
N GLY A 143 1.66 -14.92 -22.23
CA GLY A 143 0.44 -14.20 -21.99
C GLY A 143 -0.34 -14.92 -20.92
N ILE A 144 -1.61 -14.54 -20.79
CA ILE A 144 -2.48 -15.02 -19.72
C ILE A 144 -3.74 -15.62 -20.35
N GLN A 145 -4.25 -16.71 -19.77
CA GLN A 145 -5.59 -17.19 -20.07
C GLN A 145 -6.48 -17.03 -18.85
N ILE A 146 -7.62 -16.35 -19.02
CA ILE A 146 -8.60 -16.17 -17.96
C ILE A 146 -9.92 -16.78 -18.38
N GLY A 147 -10.73 -17.14 -17.38
CA GLY A 147 -12.14 -17.35 -17.64
C GLY A 147 -12.84 -16.06 -18.03
N ASN A 148 -13.99 -16.22 -18.69
CA ASN A 148 -14.69 -15.07 -19.28
C ASN A 148 -15.48 -14.26 -18.27
N HIS A 149 -15.75 -14.82 -17.09
CA HIS A 149 -16.47 -14.11 -16.04
C HIS A 149 -15.98 -14.60 -14.70
N LEU A 150 -16.28 -13.82 -13.66
CA LEU A 150 -15.98 -14.14 -12.26
C LEU A 150 -17.30 -14.13 -11.53
N GLY A 151 -17.98 -15.28 -11.47
CA GLY A 151 -19.30 -15.29 -10.86
C GLY A 151 -20.21 -14.33 -11.62
N ASP A 152 -20.91 -13.46 -10.88
CA ASP A 152 -21.80 -12.51 -11.53
C ASP A 152 -21.10 -11.25 -12.03
N LYS A 153 -19.77 -11.20 -11.96
CA LYS A 153 -19.00 -10.11 -12.56
C LYS A 153 -18.60 -10.50 -13.97
N ASP A 154 -19.13 -9.79 -14.97
CA ASP A 154 -18.70 -10.00 -16.33
C ASP A 154 -17.60 -8.99 -16.66
N LEU A 155 -17.11 -9.01 -17.91
CA LEU A 155 -15.90 -8.24 -18.21
C LEU A 155 -16.12 -6.73 -18.16
N ASP A 156 -17.36 -6.25 -18.15
CA ASP A 156 -17.62 -4.83 -17.95
C ASP A 156 -17.32 -4.40 -16.51
N ASP A 157 -17.21 -5.34 -15.58
CA ASP A 157 -16.96 -4.97 -14.19
C ASP A 157 -15.58 -4.33 -14.06
N ALA A 158 -15.52 -3.23 -13.30
CA ALA A 158 -14.31 -2.42 -13.30
C ALA A 158 -13.08 -3.23 -12.90
N THR A 159 -13.26 -4.20 -12.01
CA THR A 159 -12.11 -5.01 -11.59
C THR A 159 -11.55 -5.80 -12.77
N LEU A 160 -12.42 -6.36 -13.61
CA LEU A 160 -11.91 -7.18 -14.71
C LEU A 160 -11.35 -6.28 -15.81
N GLU A 161 -12.04 -5.16 -16.07
CA GLU A 161 -11.49 -4.19 -17.01
C GLU A 161 -10.13 -3.69 -16.55
N ALA A 162 -9.94 -3.51 -15.23
CA ALA A 162 -8.65 -3.04 -14.74
C ALA A 162 -7.56 -4.08 -14.94
N PHE A 163 -7.89 -5.37 -14.82
CA PHE A 163 -6.91 -6.41 -15.10
C PHE A 163 -6.51 -6.42 -16.57
N LEU A 164 -7.50 -6.33 -17.46
CA LEU A 164 -7.22 -6.18 -18.89
C LEU A 164 -6.33 -4.97 -19.17
N THR A 165 -6.63 -3.83 -18.56
CA THR A 165 -5.85 -2.61 -18.80
C THR A 165 -4.42 -2.75 -18.31
N HIS A 166 -4.22 -3.43 -17.17
CA HIS A 166 -2.88 -3.76 -16.72
C HIS A 166 -2.11 -4.55 -17.76
N CYS A 167 -2.73 -5.61 -18.28
CA CYS A 167 -2.08 -6.41 -19.31
C CYS A 167 -1.76 -5.55 -20.55
N ALA A 168 -2.70 -4.69 -20.95
CA ALA A 168 -2.47 -3.84 -22.11
C ALA A 168 -1.24 -2.96 -21.91
N ASN A 169 -1.18 -2.29 -20.75
CA ASN A 169 -0.07 -1.37 -20.48
C ASN A 169 1.27 -2.10 -20.33
N GLU A 170 1.27 -3.39 -19.99
CA GLU A 170 2.49 -4.16 -19.89
C GLU A 170 2.74 -5.05 -21.11
N ASP A 171 1.99 -4.85 -22.20
CA ASP A 171 2.11 -5.66 -23.42
C ASP A 171 1.97 -7.16 -23.11
N ILE A 172 0.98 -7.53 -22.31
CA ILE A 172 0.71 -8.92 -21.96
C ILE A 172 -0.55 -9.35 -22.72
N PRO A 173 -0.45 -10.33 -23.63
CA PRO A 173 -1.63 -10.80 -24.38
C PRO A 173 -2.53 -11.69 -23.52
N ILE A 174 -3.83 -11.72 -23.87
CA ILE A 174 -4.85 -12.41 -23.09
C ILE A 174 -5.67 -13.33 -24.00
N LEU A 175 -5.86 -14.57 -23.56
CA LEU A 175 -6.85 -15.48 -24.12
C LEU A 175 -8.01 -15.60 -23.12
N VAL A 176 -9.23 -15.39 -23.59
CA VAL A 176 -10.42 -15.45 -22.73
C VAL A 176 -11.16 -16.72 -23.08
N HIS A 177 -11.37 -17.58 -22.07
CA HIS A 177 -11.97 -18.88 -22.28
C HIS A 177 -13.29 -18.98 -21.53
N PRO A 178 -14.36 -19.49 -22.15
CA PRO A 178 -15.61 -19.66 -21.40
C PRO A 178 -15.43 -20.68 -20.28
N TRP A 179 -16.08 -20.43 -19.16
CA TRP A 179 -16.00 -21.38 -18.05
C TRP A 179 -17.10 -21.05 -17.06
N ASP A 180 -17.38 -22.00 -16.17
CA ASP A 180 -18.38 -21.82 -15.13
C ASP A 180 -19.70 -21.31 -15.73
N MET A 181 -20.31 -22.19 -16.54
CA MET A 181 -21.30 -21.78 -17.51
C MET A 181 -22.66 -21.48 -16.87
N MET A 182 -23.35 -20.47 -17.41
CA MET A 182 -24.72 -20.18 -17.04
C MET A 182 -25.63 -21.35 -17.41
N GLY A 183 -26.84 -21.35 -16.84
CA GLY A 183 -27.82 -22.32 -17.26
C GLY A 183 -28.61 -22.93 -16.14
N GLY A 184 -28.11 -22.84 -14.92
CA GLY A 184 -28.86 -23.34 -13.78
C GLY A 184 -29.01 -24.85 -13.83
N GLN A 185 -30.23 -25.31 -13.58
CA GLN A 185 -30.57 -26.73 -13.59
C GLN A 185 -31.01 -27.24 -14.97
N ARG A 186 -30.80 -26.46 -16.03
CA ARG A 186 -31.14 -26.93 -17.36
C ARG A 186 -29.86 -27.48 -18.01
N MET A 187 -30.00 -27.97 -19.24
CA MET A 187 -28.85 -28.45 -20.01
C MET A 187 -28.13 -29.60 -19.32
N LYS A 188 -28.92 -30.52 -18.75
CA LYS A 188 -28.35 -31.67 -18.05
C LYS A 188 -27.79 -32.75 -18.98
N LYS A 189 -28.20 -32.81 -20.24
CA LYS A 189 -27.82 -33.94 -21.07
C LYS A 189 -27.12 -33.49 -22.35
N TRP A 190 -26.53 -34.48 -23.05
CA TRP A 190 -25.93 -34.34 -24.39
C TRP A 190 -24.89 -33.22 -24.47
N MET A 191 -24.21 -32.93 -23.36
CA MET A 191 -23.19 -31.85 -23.30
C MET A 191 -23.74 -30.51 -23.74
N LEU A 192 -25.03 -30.26 -23.52
CA LEU A 192 -25.58 -28.94 -23.86
C LEU A 192 -24.81 -27.77 -23.24
N PRO A 193 -24.25 -27.85 -22.03
CA PRO A 193 -23.44 -26.69 -21.56
C PRO A 193 -22.31 -26.32 -22.51
N ALA A 194 -21.64 -27.30 -23.13
CA ALA A 194 -20.56 -27.00 -24.05
C ALA A 194 -21.10 -26.51 -25.39
N LEU A 195 -22.30 -26.92 -25.77
CA LEU A 195 -22.83 -26.57 -27.09
C LEU A 195 -23.63 -25.27 -27.07
N VAL A 196 -24.31 -24.97 -25.96
CA VAL A 196 -25.17 -23.79 -25.85
C VAL A 196 -24.54 -22.75 -24.93
N ALA A 197 -24.20 -23.16 -23.70
CA ALA A 197 -23.77 -22.18 -22.71
C ALA A 197 -22.37 -21.64 -23.01
N MET A 198 -21.43 -22.48 -23.48
CA MET A 198 -20.10 -21.95 -23.74
C MET A 198 -20.10 -20.86 -24.81
N PRO A 199 -20.70 -21.05 -25.99
CA PRO A 199 -20.66 -19.96 -26.98
C PRO A 199 -21.40 -18.73 -26.51
N ALA A 200 -22.45 -18.89 -25.70
CA ALA A 200 -23.16 -17.74 -25.16
C ALA A 200 -22.32 -17.01 -24.13
N GLU A 201 -21.56 -17.77 -23.32
CA GLU A 201 -20.66 -17.17 -22.34
C GLU A 201 -19.64 -16.26 -23.03
N THR A 202 -19.02 -16.75 -24.12
CA THR A 202 -18.04 -15.95 -24.83
C THR A 202 -18.68 -14.75 -25.50
N GLN A 203 -19.82 -14.93 -26.18
CA GLN A 203 -20.55 -13.76 -26.70
C GLN A 203 -20.83 -12.74 -25.60
N LEU A 204 -21.27 -13.21 -24.43
CA LEU A 204 -21.58 -12.28 -23.34
C LEU A 204 -20.34 -11.47 -22.92
N ALA A 205 -19.19 -12.13 -22.86
CA ALA A 205 -17.95 -11.45 -22.49
C ALA A 205 -17.57 -10.38 -23.50
N ILE A 206 -17.69 -10.70 -24.79
CA ILE A 206 -17.35 -9.73 -25.83
C ILE A 206 -18.32 -8.55 -25.76
N LEU A 207 -19.62 -8.83 -25.65
CA LEU A 207 -20.59 -7.73 -25.62
C LEU A 207 -20.50 -6.94 -24.32
N SER A 208 -20.14 -7.58 -23.21
CA SER A 208 -19.91 -6.85 -21.98
C SER A 208 -18.85 -5.78 -22.17
N LEU A 209 -17.74 -6.08 -22.88
CA LEU A 209 -16.74 -5.06 -23.17
C LEU A 209 -17.28 -3.99 -24.11
N ILE A 210 -17.91 -4.41 -25.22
CA ILE A 210 -18.32 -3.43 -26.22
C ILE A 210 -19.40 -2.50 -25.66
N LEU A 211 -20.48 -3.06 -25.11
CA LEU A 211 -21.64 -2.30 -24.73
C LEU A 211 -21.41 -1.46 -23.48
N SER A 212 -20.44 -1.80 -22.66
CA SER A 212 -20.09 -0.97 -21.51
C SER A 212 -19.14 0.17 -21.85
N GLY A 213 -18.66 0.26 -23.08
CA GLY A 213 -17.70 1.26 -23.45
C GLY A 213 -16.28 0.97 -23.01
N ALA A 214 -15.97 -0.27 -22.61
CA ALA A 214 -14.65 -0.55 -22.09
C ALA A 214 -13.57 -0.30 -23.13
N PHE A 215 -13.87 -0.53 -24.41
CA PHE A 215 -12.83 -0.26 -25.39
C PHE A 215 -12.55 1.22 -25.56
N GLU A 216 -13.48 2.08 -25.11
CA GLU A 216 -13.20 3.51 -25.06
C GLU A 216 -12.21 3.86 -23.96
N ARG A 217 -12.01 2.97 -22.99
CA ARG A 217 -11.11 3.17 -21.87
C ARG A 217 -9.86 2.30 -21.94
N ILE A 218 -9.99 1.05 -22.35
CA ILE A 218 -8.82 0.15 -22.44
C ILE A 218 -7.94 0.63 -23.58
N PRO A 219 -6.62 0.79 -23.38
CA PRO A 219 -5.76 1.21 -24.49
C PRO A 219 -5.83 0.23 -25.65
N LYS A 220 -5.69 0.76 -26.87
CA LYS A 220 -5.70 -0.07 -28.06
C LYS A 220 -4.56 -1.08 -28.06
N SER A 221 -3.55 -0.87 -27.22
CA SER A 221 -2.45 -1.82 -27.14
C SER A 221 -2.89 -3.19 -26.65
N LEU A 222 -4.07 -3.32 -26.05
CA LEU A 222 -4.50 -4.63 -25.55
C LEU A 222 -4.58 -5.63 -26.70
N LYS A 223 -3.93 -6.78 -26.51
CA LYS A 223 -4.04 -7.93 -27.39
C LYS A 223 -4.91 -8.96 -26.67
N ILE A 224 -6.11 -9.18 -27.15
CA ILE A 224 -7.05 -10.04 -26.44
C ILE A 224 -7.76 -10.90 -27.47
N CYS A 225 -7.86 -12.19 -27.17
CA CYS A 225 -8.45 -13.18 -28.08
C CYS A 225 -9.52 -13.98 -27.33
N PHE A 226 -10.61 -14.29 -28.03
CA PHE A 226 -11.73 -15.01 -27.47
C PHE A 226 -11.82 -16.39 -28.14
N GLY A 227 -12.06 -17.41 -27.33
CA GLY A 227 -12.00 -18.77 -27.83
C GLY A 227 -13.24 -19.17 -28.62
N HIS A 228 -13.10 -20.25 -29.38
CA HIS A 228 -14.21 -20.83 -30.13
C HIS A 228 -14.85 -19.81 -31.05
N GLY A 229 -13.99 -19.13 -31.80
CA GLY A 229 -14.47 -18.17 -32.77
C GLY A 229 -15.18 -17.00 -32.16
N GLY A 230 -15.00 -16.76 -30.86
CA GLY A 230 -15.82 -15.80 -30.14
C GLY A 230 -17.23 -16.28 -29.84
N GLY A 231 -17.45 -17.60 -29.78
CA GLY A 231 -18.81 -18.09 -29.53
C GLY A 231 -19.74 -17.73 -30.68
N SER A 232 -20.95 -17.28 -30.32
CA SER A 232 -21.92 -16.86 -31.34
C SER A 232 -21.81 -15.40 -31.72
N PHE A 233 -20.81 -14.68 -31.19
CA PHE A 233 -20.76 -13.22 -31.32
C PHE A 233 -20.93 -12.75 -32.76
N ALA A 234 -20.16 -13.35 -33.70
CA ALA A 234 -20.11 -12.83 -35.06
C ALA A 234 -21.43 -12.98 -35.78
N PHE A 235 -22.14 -14.07 -35.52
CA PHE A 235 -23.41 -14.33 -36.19
C PHE A 235 -24.52 -13.44 -35.63
N LEU A 236 -24.50 -13.18 -34.33
CA LEU A 236 -25.54 -12.37 -33.69
C LEU A 236 -25.21 -10.87 -33.67
N LEU A 237 -24.17 -10.43 -34.38
CA LEU A 237 -23.78 -9.02 -34.29
C LEU A 237 -24.81 -8.12 -34.97
N GLY A 238 -25.40 -8.56 -36.07
CA GLY A 238 -26.42 -7.74 -36.72
C GLY A 238 -27.59 -7.44 -35.80
N ARG A 239 -28.01 -8.44 -35.01
CA ARG A 239 -29.04 -8.24 -33.99
C ARG A 239 -28.61 -7.21 -32.94
N VAL A 240 -27.35 -7.24 -32.54
CA VAL A 240 -26.84 -6.26 -31.58
C VAL A 240 -26.88 -4.84 -32.19
N ASP A 241 -26.35 -4.69 -33.40
CA ASP A 241 -26.32 -3.37 -34.04
C ASP A 241 -27.74 -2.81 -34.17
N ASN A 242 -28.70 -3.66 -34.54
CA ASN A 242 -30.08 -3.22 -34.68
C ASN A 242 -30.66 -2.77 -33.34
N ALA A 243 -30.40 -3.53 -32.28
CA ALA A 243 -30.85 -3.13 -30.96
C ALA A 243 -30.24 -1.80 -30.55
N TRP A 244 -28.92 -1.66 -30.78
CA TRP A 244 -28.21 -0.41 -30.51
C TRP A 244 -28.85 0.76 -31.24
N ARG A 245 -29.23 0.56 -32.51
CA ARG A 245 -29.84 1.68 -33.26
C ARG A 245 -31.22 2.07 -32.72
N HIS A 246 -31.92 1.17 -32.01
CA HIS A 246 -33.32 1.41 -31.70
C HIS A 246 -33.64 1.47 -30.21
N ARG A 247 -32.66 1.40 -29.32
CA ARG A 247 -32.96 1.51 -27.90
C ARG A 247 -31.85 2.28 -27.23
N ASP A 248 -32.22 3.42 -26.63
CA ASP A 248 -31.21 4.28 -26.04
C ASP A 248 -30.49 3.59 -24.90
N ILE A 249 -31.15 2.67 -24.19
CA ILE A 249 -30.44 2.01 -23.09
C ILE A 249 -29.32 1.10 -23.61
N VAL A 250 -29.35 0.71 -24.88
CA VAL A 250 -28.25 -0.07 -25.45
C VAL A 250 -27.07 0.81 -25.85
N ARG A 251 -27.31 2.10 -26.10
CA ARG A 251 -26.29 3.08 -26.49
C ARG A 251 -25.67 3.81 -25.32
N GLU A 252 -26.25 3.65 -24.12
CA GLU A 252 -25.90 4.48 -22.97
C GLU A 252 -24.40 4.65 -22.78
N ASP A 253 -23.64 3.58 -22.97
CA ASP A 253 -22.22 3.58 -22.69
C ASP A 253 -21.37 3.26 -23.90
N CYS A 254 -21.97 3.08 -25.07
CA CYS A 254 -21.27 2.60 -26.26
C CYS A 254 -21.53 3.59 -27.38
N PRO A 255 -20.58 4.47 -27.69
CA PRO A 255 -20.91 5.66 -28.50
C PRO A 255 -20.92 5.45 -30.01
N ARG A 256 -20.61 4.27 -30.49
CA ARG A 256 -20.65 4.04 -31.92
C ARG A 256 -21.21 2.65 -32.16
N PRO A 257 -21.56 2.28 -33.39
CA PRO A 257 -22.18 0.97 -33.64
C PRO A 257 -21.33 -0.17 -33.10
N PRO A 258 -21.92 -1.06 -32.31
CA PRO A 258 -21.12 -2.14 -31.68
C PRO A 258 -20.22 -2.89 -32.65
N SER A 259 -20.67 -3.13 -33.88
CA SER A 259 -19.84 -3.92 -34.79
C SER A 259 -18.54 -3.22 -35.16
N GLU A 260 -18.41 -1.93 -34.88
CA GLU A 260 -17.18 -1.27 -35.25
C GLU A 260 -16.01 -1.64 -34.36
N TYR A 261 -16.25 -2.28 -33.21
CA TYR A 261 -15.20 -2.59 -32.26
C TYR A 261 -14.48 -3.91 -32.55
N VAL A 262 -14.79 -4.56 -33.67
CA VAL A 262 -14.12 -5.81 -34.02
C VAL A 262 -12.63 -5.61 -34.31
N ASP A 263 -12.20 -4.36 -34.52
CA ASP A 263 -10.77 -4.08 -34.67
C ASP A 263 -10.05 -3.96 -33.33
N ARG A 264 -10.73 -4.30 -32.22
CA ARG A 264 -10.10 -4.26 -30.91
C ARG A 264 -9.85 -5.63 -30.30
N PHE A 265 -10.16 -6.73 -31.02
CA PHE A 265 -9.91 -8.04 -30.45
C PHE A 265 -9.73 -9.08 -31.54
N PHE A 266 -9.38 -10.29 -31.10
CA PHE A 266 -9.10 -11.45 -31.95
C PHE A 266 -10.01 -12.60 -31.55
N VAL A 267 -10.14 -13.58 -32.44
CA VAL A 267 -10.79 -14.84 -32.09
C VAL A 267 -9.94 -15.99 -32.62
N ASP A 268 -10.05 -17.15 -31.98
CA ASP A 268 -9.52 -18.33 -32.64
C ASP A 268 -10.49 -18.78 -33.73
N SER A 269 -10.05 -19.77 -34.53
CA SER A 269 -10.77 -20.22 -35.73
C SER A 269 -11.65 -21.44 -35.50
N ALA A 270 -11.87 -21.84 -34.24
CA ALA A 270 -12.46 -23.14 -33.96
C ALA A 270 -13.98 -23.04 -34.01
N VAL A 271 -14.52 -23.08 -35.23
CA VAL A 271 -15.97 -23.04 -35.46
C VAL A 271 -16.47 -24.26 -36.21
N PHE A 272 -15.57 -25.15 -36.66
CA PHE A 272 -15.89 -26.51 -37.05
C PHE A 272 -16.84 -26.57 -38.24
N ASN A 273 -16.76 -25.58 -39.14
CA ASN A 273 -17.70 -25.51 -40.27
C ASN A 273 -17.20 -24.50 -41.27
N PRO A 274 -17.17 -24.86 -42.55
CA PRO A 274 -16.58 -23.94 -43.54
C PRO A 274 -17.31 -22.60 -43.64
N GLY A 275 -18.64 -22.63 -43.72
CA GLY A 275 -19.39 -21.39 -43.85
C GLY A 275 -19.29 -20.51 -42.61
N ALA A 276 -19.26 -21.12 -41.42
CA ALA A 276 -19.03 -20.34 -40.21
C ALA A 276 -17.67 -19.68 -40.22
N LEU A 277 -16.64 -20.38 -40.70
CA LEU A 277 -15.32 -19.76 -40.78
C LEU A 277 -15.33 -18.59 -41.75
N GLU A 278 -15.98 -18.75 -42.90
CA GLU A 278 -16.03 -17.65 -43.86
C GLU A 278 -16.74 -16.43 -43.27
N LEU A 279 -17.84 -16.65 -42.55
CA LEU A 279 -18.52 -15.53 -41.91
C LEU A 279 -17.63 -14.88 -40.85
N LEU A 280 -16.97 -15.72 -40.05
CA LEU A 280 -16.08 -15.22 -39.01
C LEU A 280 -15.00 -14.30 -39.60
N VAL A 281 -14.36 -14.74 -40.69
CA VAL A 281 -13.32 -13.96 -41.33
C VAL A 281 -13.91 -12.70 -41.96
N SER A 282 -15.11 -12.81 -42.56
CA SER A 282 -15.83 -11.62 -43.01
C SER A 282 -15.99 -10.58 -41.91
N VAL A 283 -16.46 -11.02 -40.74
CA VAL A 283 -16.71 -10.07 -39.67
C VAL A 283 -15.41 -9.54 -39.08
N MET A 284 -14.48 -10.45 -38.75
CA MET A 284 -13.28 -10.07 -38.00
C MET A 284 -12.12 -9.59 -38.87
N GLY A 285 -12.06 -10.00 -40.13
CA GLY A 285 -10.87 -9.68 -40.91
C GLY A 285 -9.86 -10.81 -40.84
N GLU A 286 -9.13 -11.03 -41.94
CA GLU A 286 -8.20 -12.16 -41.98
C GLU A 286 -7.05 -11.99 -41.00
N ASP A 287 -6.87 -10.81 -40.43
CA ASP A 287 -5.78 -10.50 -39.51
C ASP A 287 -6.13 -10.75 -38.05
N ARG A 288 -7.36 -11.14 -37.75
CA ARG A 288 -7.79 -11.22 -36.36
C ARG A 288 -8.38 -12.57 -36.00
N VAL A 289 -8.17 -13.59 -36.84
CA VAL A 289 -8.57 -14.97 -36.59
C VAL A 289 -7.31 -15.82 -36.57
N MET A 290 -7.17 -16.65 -35.54
CA MET A 290 -5.96 -17.43 -35.32
C MET A 290 -6.32 -18.90 -35.19
N LEU A 291 -5.51 -19.78 -35.82
CA LEU A 291 -5.77 -21.21 -35.71
C LEU A 291 -5.65 -21.64 -34.26
N GLY A 292 -6.71 -22.27 -33.75
CA GLY A 292 -6.68 -22.87 -32.44
C GLY A 292 -7.54 -24.12 -32.47
N SER A 293 -7.11 -25.19 -31.80
CA SER A 293 -7.75 -26.50 -31.96
C SER A 293 -8.56 -26.97 -30.77
N ASP A 294 -8.32 -26.44 -29.58
CA ASP A 294 -8.83 -27.00 -28.32
C ASP A 294 -8.24 -28.40 -28.05
N TYR A 295 -7.08 -28.69 -28.62
CA TYR A 295 -6.36 -29.94 -28.32
C TYR A 295 -6.05 -30.02 -26.82
N PRO A 296 -6.14 -31.21 -26.20
CA PRO A 296 -6.41 -32.52 -26.78
C PRO A 296 -7.81 -33.01 -26.46
N PHE A 297 -8.78 -32.10 -26.30
CA PHE A 297 -10.09 -32.53 -25.82
C PHE A 297 -10.95 -33.05 -26.97
N PRO A 298 -11.94 -33.91 -26.67
CA PRO A 298 -12.80 -34.47 -27.72
C PRO A 298 -13.54 -33.43 -28.54
N LEU A 299 -13.93 -32.29 -27.93
CA LEU A 299 -14.64 -31.27 -28.69
C LEU A 299 -13.71 -30.34 -29.43
N GLY A 300 -12.41 -30.63 -29.45
CA GLY A 300 -11.49 -29.94 -30.31
C GLY A 300 -11.47 -30.47 -31.74
N GLU A 301 -10.58 -29.90 -32.54
CA GLU A 301 -10.45 -30.26 -33.95
C GLU A 301 -9.50 -31.46 -34.09
N GLN A 302 -10.03 -32.56 -34.65
CA GLN A 302 -9.23 -33.78 -34.77
C GLN A 302 -8.02 -33.59 -35.68
N LYS A 303 -8.24 -33.06 -36.88
CA LYS A 303 -7.14 -32.71 -37.78
C LYS A 303 -6.85 -31.22 -37.63
N ILE A 304 -5.84 -30.89 -36.81
CA ILE A 304 -5.58 -29.50 -36.48
C ILE A 304 -5.27 -28.71 -37.74
N GLY A 305 -5.98 -27.59 -37.93
CA GLY A 305 -5.81 -26.80 -39.12
C GLY A 305 -6.56 -27.30 -40.35
N GLY A 306 -7.25 -28.45 -40.25
CA GLY A 306 -7.90 -29.02 -41.43
C GLY A 306 -8.98 -28.11 -42.01
N LEU A 307 -9.77 -27.48 -41.12
CA LEU A 307 -10.82 -26.57 -41.58
C LEU A 307 -10.22 -25.37 -42.32
N VAL A 308 -9.16 -24.78 -41.75
CA VAL A 308 -8.55 -23.62 -42.38
C VAL A 308 -7.85 -24.00 -43.67
N LEU A 309 -7.14 -25.13 -43.67
CA LEU A 309 -6.36 -25.53 -44.85
C LEU A 309 -7.27 -25.85 -46.03
N SER A 310 -8.40 -26.52 -45.78
CA SER A 310 -9.32 -26.94 -46.84
C SER A 310 -10.31 -25.85 -47.25
N SER A 311 -10.23 -24.66 -46.67
CA SER A 311 -11.13 -23.55 -46.98
C SER A 311 -10.83 -22.98 -48.38
N ASN A 312 -11.70 -22.08 -48.81
CA ASN A 312 -11.52 -21.31 -50.04
C ASN A 312 -11.01 -19.90 -49.78
N LEU A 313 -10.51 -19.65 -48.58
CA LEU A 313 -9.85 -18.38 -48.33
C LEU A 313 -8.57 -18.32 -49.16
N GLY A 314 -8.10 -17.12 -49.42
CA GLY A 314 -6.88 -16.97 -50.18
C GLY A 314 -5.68 -17.55 -49.45
N GLU A 315 -4.64 -17.86 -50.23
CA GLU A 315 -3.40 -18.38 -49.66
C GLU A 315 -2.85 -17.43 -48.61
N SER A 316 -2.92 -16.12 -48.88
CA SER A 316 -2.47 -15.12 -47.92
C SER A 316 -3.25 -15.19 -46.62
N ALA A 317 -4.58 -15.29 -46.71
CA ALA A 317 -5.39 -15.34 -45.49
C ALA A 317 -5.10 -16.62 -44.71
N LYS A 318 -4.96 -17.75 -45.41
CA LYS A 318 -4.66 -19.01 -44.73
C LYS A 318 -3.35 -18.93 -43.97
N ASP A 319 -2.36 -18.23 -44.52
CA ASP A 319 -1.06 -18.12 -43.87
C ASP A 319 -1.14 -17.27 -42.60
N LYS A 320 -1.91 -16.17 -42.64
CA LYS A 320 -2.09 -15.38 -41.43
C LYS A 320 -2.78 -16.19 -40.35
N ILE A 321 -3.85 -16.90 -40.72
CA ILE A 321 -4.64 -17.62 -39.73
C ILE A 321 -3.82 -18.78 -39.13
N ILE A 322 -3.11 -19.54 -39.96
CA ILE A 322 -2.40 -20.69 -39.43
C ILE A 322 -1.07 -20.34 -38.80
N SER A 323 -0.56 -19.12 -39.01
CA SER A 323 0.79 -18.81 -38.53
C SER A 323 1.05 -17.32 -38.27
N GLY A 324 0.75 -16.45 -39.25
CA GLY A 324 1.23 -15.07 -39.17
C GLY A 324 0.60 -14.29 -38.04
N ASN A 325 -0.69 -14.52 -37.77
CA ASN A 325 -1.41 -13.73 -36.77
C ASN A 325 -0.92 -14.04 -35.36
N ALA A 326 -0.84 -15.34 -35.02
CA ALA A 326 -0.36 -15.74 -33.70
C ALA A 326 1.12 -15.40 -33.50
N SER A 327 1.92 -15.56 -34.55
CA SER A 327 3.33 -15.13 -34.47
C SER A 327 3.42 -13.67 -34.01
N LYS A 328 2.56 -12.82 -34.54
CA LYS A 328 2.56 -11.41 -34.15
C LYS A 328 1.88 -11.19 -32.80
N PHE A 329 0.78 -11.91 -32.55
CA PHE A 329 -0.01 -11.71 -31.32
C PHE A 329 0.75 -12.17 -30.09
N PHE A 330 1.45 -13.29 -30.17
CA PHE A 330 2.18 -13.83 -29.02
C PHE A 330 3.68 -13.53 -29.06
N ASN A 331 4.18 -12.90 -30.11
CA ASN A 331 5.62 -12.69 -30.30
C ASN A 331 6.37 -14.02 -30.38
N ILE A 332 5.97 -14.82 -31.37
CA ILE A 332 6.63 -16.08 -31.70
C ILE A 332 7.34 -15.89 -33.03
N ASN A 333 8.38 -16.69 -33.25
CA ASN A 333 9.06 -16.67 -34.55
C ASN A 333 8.61 -17.81 -35.43
N PRO B 4 -12.07 35.04 -3.23
CA PRO B 4 -12.90 34.36 -2.22
C PRO B 4 -12.11 33.35 -1.38
N ARG B 5 -12.19 33.47 -0.04
CA ARG B 5 -11.47 32.60 0.87
C ARG B 5 -12.14 31.23 0.93
N ILE B 6 -11.38 30.17 0.63
CA ILE B 6 -11.91 28.82 0.49
C ILE B 6 -11.27 27.92 1.55
N ASP B 7 -12.11 27.28 2.36
CA ASP B 7 -11.72 26.23 3.27
C ASP B 7 -12.10 24.89 2.63
N MET B 8 -11.12 24.08 2.24
CA MET B 8 -11.45 22.86 1.50
C MET B 8 -11.32 21.59 2.34
N HIS B 9 -11.17 21.69 3.66
CA HIS B 9 -11.16 20.50 4.49
C HIS B 9 -12.11 20.75 5.66
N SER B 10 -13.29 20.14 5.59
CA SER B 10 -14.31 20.29 6.62
C SER B 10 -15.25 19.10 6.51
N HIS B 11 -16.06 18.91 7.56
CA HIS B 11 -16.92 17.72 7.65
C HIS B 11 -18.34 18.10 8.04
N PHE B 12 -19.27 17.24 7.64
CA PHE B 12 -20.67 17.37 7.98
C PHE B 12 -21.15 16.03 8.51
N PHE B 13 -22.31 16.04 9.14
CA PHE B 13 -22.96 14.78 9.53
C PHE B 13 -24.47 14.99 9.39
N PRO B 14 -25.18 14.12 8.67
CA PRO B 14 -26.61 14.36 8.42
C PRO B 14 -27.51 13.90 9.55
N ARG B 15 -28.75 14.38 9.52
CA ARG B 15 -29.73 13.99 10.54
C ARG B 15 -30.28 12.63 10.16
N ILE B 16 -29.55 11.60 10.54
CA ILE B 16 -29.96 10.21 10.33
C ILE B 16 -30.73 9.76 11.55
N SER B 17 -31.95 9.28 11.34
CA SER B 17 -32.70 8.69 12.44
C SER B 17 -32.08 7.37 12.87
N GLU B 18 -32.50 6.86 14.02
CA GLU B 18 -32.14 5.49 14.39
C GLU B 18 -32.89 4.49 13.52
N GLN B 19 -34.12 4.82 13.15
CA GLN B 19 -34.91 3.90 12.32
C GLN B 19 -34.36 3.81 10.90
N GLU B 20 -33.91 4.94 10.33
CA GLU B 20 -33.26 4.88 9.02
C GLU B 20 -31.90 4.19 9.11
N ALA B 21 -31.21 4.35 10.25
CA ALA B 21 -29.88 3.78 10.43
C ALA B 21 -29.90 2.37 11.01
N ALA B 22 -31.03 1.94 11.58
CA ALA B 22 -31.10 0.56 12.06
C ALA B 22 -31.14 -0.42 10.89
N LYS B 23 -31.89 -0.07 9.84
CA LYS B 23 -32.10 -0.97 8.71
C LYS B 23 -30.80 -1.31 8.00
N PHE B 24 -29.78 -0.46 8.11
CA PHE B 24 -28.48 -0.79 7.53
C PHE B 24 -27.69 -1.69 8.47
N ASP B 25 -27.42 -1.23 9.69
CA ASP B 25 -26.68 -2.01 10.67
C ASP B 25 -26.99 -1.36 12.02
N ALA B 26 -27.95 -1.93 12.73
CA ALA B 26 -28.40 -1.32 13.98
C ALA B 26 -27.33 -1.23 15.06
N ASN B 27 -26.10 -1.72 14.83
CA ASN B 27 -25.05 -1.62 15.84
C ASN B 27 -23.75 -1.08 15.26
N HIS B 28 -23.80 -0.49 14.06
CA HIS B 28 -22.57 0.03 13.46
C HIS B 28 -22.85 1.11 12.42
N ALA B 29 -24.12 1.37 12.12
CA ALA B 29 -24.47 2.45 11.21
C ALA B 29 -24.69 3.72 12.02
N PRO B 30 -23.82 4.72 11.92
CA PRO B 30 -23.95 5.90 12.79
C PRO B 30 -25.19 6.72 12.48
N TRP B 31 -25.79 7.30 13.52
CA TRP B 31 -26.88 8.25 13.39
C TRP B 31 -26.69 9.40 14.38
N LEU B 32 -27.54 10.41 14.27
CA LEU B 32 -27.33 11.68 14.96
C LEU B 32 -28.45 11.94 15.97
N GLN B 33 -28.07 12.12 17.23
CA GLN B 33 -28.98 12.52 18.30
C GLN B 33 -28.92 14.03 18.50
N VAL B 34 -30.04 14.72 18.28
CA VAL B 34 -30.14 16.18 18.38
C VAL B 34 -31.13 16.53 19.50
N SER B 35 -30.73 17.49 20.36
CA SER B 35 -31.57 17.91 21.47
C SER B 35 -32.84 18.59 20.98
N ALA B 36 -33.81 18.71 21.89
CA ALA B 36 -35.11 19.29 21.56
C ALA B 36 -35.00 20.78 21.26
N LYS B 37 -34.05 21.48 21.87
CA LYS B 37 -33.77 22.87 21.50
C LYS B 37 -32.89 22.98 20.25
N GLY B 38 -32.27 21.88 19.84
CA GLY B 38 -31.43 21.87 18.65
C GLY B 38 -30.02 22.37 18.85
N ASP B 39 -29.55 22.41 20.10
CA ASP B 39 -28.29 23.08 20.42
C ASP B 39 -27.12 22.13 20.54
N THR B 40 -27.35 20.93 21.08
CA THR B 40 -26.32 19.94 21.34
C THR B 40 -26.62 18.68 20.54
N GLY B 41 -25.57 17.90 20.27
CA GLY B 41 -25.74 16.71 19.46
C GLY B 41 -24.73 15.64 19.78
N SER B 42 -25.05 14.42 19.34
CA SER B 42 -24.18 13.26 19.52
C SER B 42 -24.28 12.32 18.33
N ILE B 43 -23.13 11.81 17.89
CA ILE B 43 -23.08 10.75 16.89
C ILE B 43 -23.26 9.41 17.60
N MET B 44 -24.26 8.63 17.16
CA MET B 44 -24.69 7.42 17.85
C MET B 44 -24.25 6.17 17.09
N MET B 45 -23.92 5.12 17.86
CA MET B 45 -23.66 3.78 17.34
C MET B 45 -24.80 2.86 17.80
N GLY B 46 -25.93 2.96 17.10
CA GLY B 46 -27.12 2.21 17.46
C GLY B 46 -27.80 2.70 18.72
N LYS B 47 -27.23 2.31 19.88
CA LYS B 47 -27.70 2.75 21.19
C LYS B 47 -26.59 3.31 22.06
N ASN B 48 -25.34 3.34 21.58
CA ASN B 48 -24.21 3.87 22.33
C ASN B 48 -23.93 5.31 21.88
N ASN B 49 -22.93 5.93 22.51
CA ASN B 49 -22.59 7.33 22.25
C ASN B 49 -21.19 7.40 21.67
N PHE B 50 -21.11 7.61 20.35
CA PHE B 50 -19.80 7.62 19.69
C PHE B 50 -19.05 8.92 19.94
N ARG B 51 -19.63 10.05 19.56
CA ARG B 51 -18.91 11.32 19.69
C ARG B 51 -19.86 12.50 19.88
N PRO B 52 -19.57 13.40 20.80
CA PRO B 52 -20.38 14.61 20.95
C PRO B 52 -19.92 15.69 19.99
N VAL B 53 -20.89 16.33 19.34
CA VAL B 53 -20.62 17.27 18.27
C VAL B 53 -21.54 18.47 18.47
N TYR B 54 -21.26 19.55 17.74
CA TYR B 54 -22.10 20.72 17.90
C TYR B 54 -22.79 21.07 16.58
N GLN B 55 -23.72 22.02 16.71
CA GLN B 55 -24.78 22.23 15.72
C GLN B 55 -24.25 22.49 14.31
N ALA B 56 -23.06 23.09 14.17
CA ALA B 56 -22.59 23.44 12.83
C ALA B 56 -22.26 22.22 11.98
N LEU B 57 -22.12 21.05 12.60
CA LEU B 57 -21.82 19.83 11.86
C LEU B 57 -22.99 19.37 11.01
N TRP B 58 -24.22 19.60 11.48
CA TRP B 58 -25.43 19.13 10.80
C TRP B 58 -26.34 20.24 10.30
N ASP B 59 -26.17 21.48 10.75
CA ASP B 59 -27.06 22.60 10.41
C ASP B 59 -26.37 23.52 9.42
N PRO B 60 -26.72 23.47 8.12
CA PRO B 60 -26.09 24.37 7.16
C PRO B 60 -26.38 25.85 7.41
N ALA B 61 -27.56 26.17 7.94
CA ALA B 61 -27.89 27.56 8.21
C ALA B 61 -27.01 28.14 9.31
N PHE B 62 -26.89 27.41 10.42
CA PHE B 62 -26.00 27.84 11.49
C PHE B 62 -24.54 27.86 11.03
N ARG B 63 -24.16 26.91 10.17
CA ARG B 63 -22.80 26.91 9.62
C ARG B 63 -22.51 28.17 8.84
N ILE B 64 -23.45 28.63 8.02
CA ILE B 64 -23.24 29.86 7.26
C ILE B 64 -23.01 31.05 8.19
N GLU B 65 -23.72 31.11 9.32
CA GLU B 65 -23.45 32.15 10.32
C GLU B 65 -21.98 32.15 10.72
N GLU B 66 -21.47 30.98 11.09
CA GLU B 66 -20.09 30.90 11.52
C GLU B 66 -19.13 31.23 10.38
N MET B 67 -19.46 30.77 9.18
CA MET B 67 -18.59 31.06 8.04
C MET B 67 -18.51 32.55 7.80
N ASP B 68 -19.64 33.25 7.90
CA ASP B 68 -19.63 34.71 7.84
C ASP B 68 -18.74 35.28 8.93
N ALA B 69 -18.89 34.81 10.16
CA ALA B 69 -18.09 35.36 11.26
C ALA B 69 -16.60 35.11 11.04
N GLN B 70 -16.26 33.95 10.49
CA GLN B 70 -14.88 33.54 10.28
C GLN B 70 -14.27 34.15 9.01
N GLY B 71 -15.07 34.78 8.16
CA GLY B 71 -14.56 35.28 6.90
C GLY B 71 -14.35 34.22 5.83
N VAL B 72 -15.05 33.10 5.92
CA VAL B 72 -14.92 32.01 4.96
C VAL B 72 -16.01 32.17 3.91
N ASP B 73 -15.62 32.38 2.66
CA ASP B 73 -16.60 32.60 1.61
C ASP B 73 -17.16 31.29 1.08
N VAL B 74 -16.29 30.31 0.84
CA VAL B 74 -16.68 29.01 0.33
C VAL B 74 -16.03 27.92 1.18
N GLN B 75 -16.81 26.94 1.61
CA GLN B 75 -16.31 25.79 2.35
C GLN B 75 -16.68 24.50 1.63
N VAL B 76 -15.69 23.66 1.36
CA VAL B 76 -15.90 22.32 0.82
C VAL B 76 -15.98 21.37 2.02
N THR B 77 -17.08 20.63 2.11
CA THR B 77 -17.33 19.76 3.24
C THR B 77 -17.62 18.35 2.74
N CYS B 78 -17.41 17.38 3.63
CA CYS B 78 -17.55 15.99 3.22
C CYS B 78 -17.77 15.14 4.45
N ALA B 79 -17.98 13.84 4.23
CA ALA B 79 -18.41 12.94 5.29
C ALA B 79 -17.43 12.91 6.46
N THR B 80 -17.98 12.81 7.65
CA THR B 80 -17.19 12.44 8.80
C THR B 80 -16.69 11.01 8.56
N PRO B 81 -15.39 10.73 8.73
CA PRO B 81 -14.86 9.42 8.33
C PRO B 81 -15.61 8.23 8.91
N VAL B 82 -16.29 8.37 10.06
CA VAL B 82 -17.04 7.25 10.62
C VAL B 82 -18.24 6.87 9.77
N MET B 83 -18.61 7.70 8.79
CA MET B 83 -19.65 7.37 7.82
C MET B 83 -19.14 6.48 6.68
N PHE B 84 -17.83 6.17 6.63
CA PHE B 84 -17.27 5.52 5.45
C PHE B 84 -17.87 4.14 5.22
N GLY B 85 -18.02 3.35 6.28
CA GLY B 85 -18.59 2.01 6.13
C GLY B 85 -17.78 1.09 5.25
N TYR B 86 -16.46 1.17 5.32
CA TYR B 86 -15.63 0.41 4.41
C TYR B 86 -15.66 -1.08 4.70
N THR B 87 -16.08 -1.49 5.90
CA THR B 87 -16.06 -2.90 6.27
C THR B 87 -17.40 -3.59 6.04
N TRP B 88 -18.38 -2.91 5.47
CA TRP B 88 -19.68 -3.55 5.30
C TRP B 88 -19.72 -4.31 3.99
N GLU B 89 -20.81 -5.06 3.82
CA GLU B 89 -21.06 -5.76 2.56
C GLU B 89 -21.24 -4.73 1.44
N ALA B 90 -20.64 -5.03 0.28
CA ALA B 90 -20.45 -4.02 -0.76
C ALA B 90 -21.77 -3.37 -1.19
N ASN B 91 -22.81 -4.17 -1.42
CA ASN B 91 -24.05 -3.59 -1.93
C ASN B 91 -24.72 -2.71 -0.88
N LYS B 92 -24.75 -3.16 0.37
CA LYS B 92 -25.23 -2.30 1.45
C LYS B 92 -24.40 -1.03 1.55
N ALA B 93 -23.06 -1.17 1.59
CA ALA B 93 -22.18 -0.01 1.64
C ALA B 93 -22.42 0.92 0.46
N ALA B 94 -22.73 0.36 -0.72
CA ALA B 94 -23.06 1.19 -1.87
C ALA B 94 -24.38 1.92 -1.69
N GLN B 95 -25.35 1.29 -1.03
CA GLN B 95 -26.61 1.99 -0.74
C GLN B 95 -26.39 3.12 0.25
N TRP B 96 -25.65 2.82 1.31
CA TRP B 96 -25.29 3.82 2.32
C TRP B 96 -24.62 5.02 1.67
N ALA B 97 -23.58 4.78 0.88
CA ALA B 97 -22.85 5.86 0.24
C ALA B 97 -23.77 6.75 -0.57
N GLU B 98 -24.66 6.15 -1.35
CA GLU B 98 -25.55 6.96 -2.17
C GLU B 98 -26.47 7.81 -1.31
N ARG B 99 -27.03 7.21 -0.25
CA ARG B 99 -27.89 7.94 0.68
C ARG B 99 -27.11 9.07 1.37
N MET B 100 -25.88 8.78 1.82
CA MET B 100 -25.04 9.83 2.42
C MET B 100 -24.75 10.95 1.44
N ASN B 101 -24.47 10.59 0.19
CA ASN B 101 -24.10 11.61 -0.80
C ASN B 101 -25.30 12.46 -1.19
N ASP B 102 -26.51 11.90 -1.10
CA ASP B 102 -27.70 12.71 -1.31
C ASP B 102 -27.95 13.64 -0.12
N PHE B 103 -27.73 13.14 1.11
CA PHE B 103 -27.73 14.01 2.29
C PHE B 103 -26.82 15.21 2.10
N ALA B 104 -25.62 14.98 1.55
CA ALA B 104 -24.64 16.05 1.39
C ALA B 104 -25.18 17.10 0.44
N LEU B 105 -25.71 16.68 -0.70
CA LEU B 105 -26.27 17.64 -1.64
C LEU B 105 -27.43 18.41 -1.02
N GLU B 106 -28.21 17.75 -0.17
CA GLU B 106 -29.29 18.44 0.55
C GLU B 106 -28.74 19.47 1.52
N PHE B 107 -27.66 19.12 2.20
CA PHE B 107 -26.94 20.08 3.05
C PHE B 107 -26.50 21.29 2.24
N ALA B 108 -25.77 21.05 1.15
CA ALA B 108 -25.28 22.16 0.33
C ALA B 108 -26.40 22.92 -0.35
N ALA B 109 -27.57 22.31 -0.54
CA ALA B 109 -28.65 22.98 -1.27
C ALA B 109 -29.08 24.28 -0.59
N HIS B 110 -28.90 24.37 0.74
CA HIS B 110 -29.27 25.58 1.47
C HIS B 110 -28.44 26.79 1.02
N ASN B 111 -27.25 26.59 0.46
CA ASN B 111 -26.46 27.68 -0.11
C ASN B 111 -25.39 27.09 -1.01
N PRO B 112 -25.75 26.63 -2.22
CA PRO B 112 -24.78 25.88 -3.04
C PRO B 112 -23.62 26.73 -3.53
N GLN B 113 -23.76 28.05 -3.54
CA GLN B 113 -22.64 28.91 -3.95
C GLN B 113 -21.53 28.93 -2.90
N ARG B 114 -21.86 28.74 -1.63
CA ARG B 114 -20.89 28.82 -0.55
C ARG B 114 -20.57 27.48 0.11
N ILE B 115 -21.43 26.48 -0.03
CA ILE B 115 -21.22 25.16 0.55
C ILE B 115 -21.06 24.17 -0.61
N LYS B 116 -19.88 23.58 -0.75
CA LYS B 116 -19.64 22.54 -1.74
C LYS B 116 -19.43 21.20 -1.04
N VAL B 117 -19.78 20.11 -1.71
CA VAL B 117 -19.64 18.81 -1.05
C VAL B 117 -18.75 17.89 -1.88
N LEU B 118 -18.06 16.98 -1.18
CA LEU B 118 -17.37 15.85 -1.76
C LEU B 118 -18.08 14.57 -1.32
N ALA B 119 -17.96 13.52 -2.14
CA ALA B 119 -18.74 12.31 -1.93
C ALA B 119 -17.89 11.19 -1.35
N GLN B 120 -18.54 10.25 -0.67
CA GLN B 120 -17.91 9.00 -0.25
C GLN B 120 -18.25 7.89 -1.24
N VAL B 121 -17.41 6.86 -1.28
CA VAL B 121 -17.67 5.72 -2.17
C VAL B 121 -17.54 4.39 -1.45
N PRO B 122 -18.27 3.34 -1.88
CA PRO B 122 -18.04 1.99 -1.32
C PRO B 122 -16.74 1.40 -1.85
N LEU B 123 -15.63 1.79 -1.25
CA LEU B 123 -14.31 1.46 -1.79
C LEU B 123 -14.01 -0.03 -1.78
N GLN B 124 -14.73 -0.82 -0.98
CA GLN B 124 -14.47 -2.26 -0.92
C GLN B 124 -14.83 -2.98 -2.22
N ASP B 125 -15.62 -2.37 -3.10
CA ASP B 125 -15.89 -2.95 -4.41
C ASP B 125 -15.58 -1.92 -5.49
N LEU B 126 -14.51 -2.17 -6.24
CA LEU B 126 -14.03 -1.18 -7.20
C LEU B 126 -15.14 -0.70 -8.13
N ASP B 127 -15.97 -1.62 -8.65
CA ASP B 127 -16.99 -1.25 -9.63
C ASP B 127 -18.05 -0.34 -9.01
N LEU B 128 -18.61 -0.73 -7.86
CA LEU B 128 -19.56 0.14 -7.18
C LEU B 128 -18.94 1.48 -6.81
N ALA B 129 -17.65 1.47 -6.49
CA ALA B 129 -16.96 2.69 -6.06
C ALA B 129 -16.82 3.66 -7.23
N CYS B 130 -16.32 3.18 -8.38
CA CYS B 130 -16.23 4.00 -9.57
C CYS B 130 -17.60 4.52 -9.99
N LYS B 131 -18.64 3.68 -9.94
CA LYS B 131 -19.96 4.13 -10.38
C LYS B 131 -20.51 5.21 -9.47
N GLU B 132 -20.34 5.07 -8.14
CA GLU B 132 -20.83 6.11 -7.22
C GLU B 132 -20.07 7.41 -7.38
N ALA B 133 -18.75 7.34 -7.62
CA ALA B 133 -17.98 8.56 -7.80
C ALA B 133 -18.48 9.35 -8.99
N SER B 134 -18.72 8.66 -10.11
CA SER B 134 -19.23 9.32 -11.30
C SER B 134 -20.64 9.88 -11.07
N ARG B 135 -21.50 9.10 -10.40
CA ARG B 135 -22.88 9.50 -10.16
C ARG B 135 -22.98 10.70 -9.22
N ALA B 136 -22.20 10.68 -8.14
CA ALA B 136 -22.24 11.78 -7.18
C ALA B 136 -21.68 13.06 -7.80
N VAL B 137 -20.64 12.95 -8.62
CA VAL B 137 -20.08 14.15 -9.25
C VAL B 137 -21.05 14.73 -10.27
N ALA B 138 -21.66 13.88 -11.10
CA ALA B 138 -22.66 14.37 -12.05
C ALA B 138 -23.85 15.02 -11.35
N ALA B 139 -24.19 14.56 -10.15
CA ALA B 139 -25.29 15.14 -9.37
C ALA B 139 -24.90 16.42 -8.61
N GLY B 140 -23.64 16.83 -8.63
CA GLY B 140 -23.29 18.10 -8.02
C GLY B 140 -22.09 18.11 -7.08
N HIS B 141 -21.60 16.95 -6.65
CA HIS B 141 -20.36 16.93 -5.86
C HIS B 141 -19.18 17.37 -6.71
N LEU B 142 -18.19 17.99 -6.05
CA LEU B 142 -16.99 18.47 -6.72
C LEU B 142 -15.85 17.48 -6.64
N GLY B 143 -16.04 16.35 -6.00
CA GLY B 143 -15.00 15.35 -5.91
C GLY B 143 -15.36 14.32 -4.86
N ILE B 144 -14.36 13.54 -4.47
CA ILE B 144 -14.56 12.42 -3.56
C ILE B 144 -13.57 12.56 -2.41
N GLN B 145 -14.01 12.21 -1.21
CA GLN B 145 -13.08 11.97 -0.11
C GLN B 145 -13.10 10.48 0.24
N ILE B 146 -11.92 9.88 0.31
CA ILE B 146 -11.76 8.48 0.68
C ILE B 146 -10.86 8.39 1.90
N GLY B 147 -10.99 7.28 2.63
CA GLY B 147 -9.98 6.91 3.59
C GLY B 147 -8.65 6.64 2.93
N ASN B 148 -7.57 6.70 3.73
CA ASN B 148 -6.24 6.60 3.13
C ASN B 148 -5.86 5.17 2.82
N HIS B 149 -6.62 4.21 3.32
CA HIS B 149 -6.33 2.80 3.09
C HIS B 149 -7.61 2.01 3.28
N LEU B 150 -7.56 0.75 2.84
CA LEU B 150 -8.69 -0.16 2.97
C LEU B 150 -8.15 -1.43 3.62
N GLY B 151 -8.30 -1.52 4.95
CA GLY B 151 -7.73 -2.68 5.63
C GLY B 151 -6.24 -2.75 5.37
N ASP B 152 -5.74 -3.93 5.03
CA ASP B 152 -4.31 -4.09 4.77
C ASP B 152 -3.90 -3.66 3.38
N LYS B 153 -4.80 -3.09 2.60
CA LYS B 153 -4.47 -2.59 1.27
C LYS B 153 -4.22 -1.10 1.34
N ASP B 154 -3.01 -0.68 1.04
CA ASP B 154 -2.66 0.73 0.97
C ASP B 154 -2.77 1.20 -0.49
N LEU B 155 -2.51 2.49 -0.72
CA LEU B 155 -2.77 3.08 -2.03
C LEU B 155 -1.94 2.46 -3.16
N ASP B 156 -0.89 1.69 -2.85
CA ASP B 156 -0.18 0.95 -3.89
C ASP B 156 -0.96 -0.25 -4.40
N ASP B 157 -2.00 -0.69 -3.68
CA ASP B 157 -2.78 -1.85 -4.12
C ASP B 157 -3.48 -1.52 -5.44
N ALA B 158 -3.40 -2.47 -6.39
CA ALA B 158 -3.94 -2.24 -7.72
C ALA B 158 -5.40 -1.81 -7.68
N THR B 159 -6.18 -2.30 -6.71
CA THR B 159 -7.56 -1.88 -6.64
C THR B 159 -7.67 -0.38 -6.35
N LEU B 160 -6.90 0.08 -5.37
CA LEU B 160 -6.96 1.49 -5.00
C LEU B 160 -6.36 2.36 -6.09
N GLU B 161 -5.24 1.92 -6.68
CA GLU B 161 -4.69 2.63 -7.82
C GLU B 161 -5.69 2.71 -8.96
N ALA B 162 -6.43 1.63 -9.21
CA ALA B 162 -7.42 1.65 -10.28
C ALA B 162 -8.48 2.70 -10.01
N PHE B 163 -8.93 2.81 -8.76
CA PHE B 163 -9.93 3.82 -8.44
C PHE B 163 -9.39 5.24 -8.64
N LEU B 164 -8.14 5.51 -8.24
CA LEU B 164 -7.59 6.85 -8.46
C LEU B 164 -7.47 7.15 -9.95
N THR B 165 -7.13 6.14 -10.74
CA THR B 165 -7.01 6.33 -12.19
C THR B 165 -8.37 6.57 -12.83
N HIS B 166 -9.41 5.89 -12.36
CA HIS B 166 -10.76 6.21 -12.79
C HIS B 166 -11.08 7.69 -12.56
N CYS B 167 -10.79 8.18 -11.35
CA CYS B 167 -11.10 9.58 -11.05
C CYS B 167 -10.27 10.53 -11.89
N ALA B 168 -9.00 10.20 -12.13
CA ALA B 168 -8.17 11.01 -13.01
C ALA B 168 -8.80 11.14 -14.39
N ASN B 169 -9.23 10.01 -14.95
CA ASN B 169 -9.78 10.01 -16.31
C ASN B 169 -11.13 10.70 -16.38
N GLU B 170 -11.86 10.78 -15.27
CA GLU B 170 -13.13 11.47 -15.21
C GLU B 170 -13.01 12.89 -14.69
N ASP B 171 -11.79 13.38 -14.46
CA ASP B 171 -11.57 14.73 -13.90
C ASP B 171 -12.27 14.87 -12.55
N ILE B 172 -12.15 13.84 -11.72
CA ILE B 172 -12.78 13.81 -10.40
C ILE B 172 -11.68 14.03 -9.36
N PRO B 173 -11.66 15.16 -8.67
CA PRO B 173 -10.63 15.38 -7.64
C PRO B 173 -10.88 14.52 -6.40
N ILE B 174 -9.80 14.21 -5.69
CA ILE B 174 -9.82 13.31 -4.54
C ILE B 174 -9.20 14.00 -3.33
N LEU B 175 -9.87 13.91 -2.18
CA LEU B 175 -9.28 14.23 -0.89
C LEU B 175 -9.07 12.92 -0.15
N VAL B 176 -7.85 12.70 0.35
CA VAL B 176 -7.50 11.46 1.05
C VAL B 176 -7.37 11.79 2.53
N HIS B 177 -8.16 11.13 3.36
CA HIS B 177 -8.23 11.43 4.76
C HIS B 177 -7.76 10.23 5.58
N PRO B 178 -6.93 10.44 6.60
CA PRO B 178 -6.50 9.30 7.43
C PRO B 178 -7.69 8.72 8.15
N TRP B 179 -7.69 7.40 8.31
CA TRP B 179 -8.80 6.73 8.95
C TRP B 179 -8.43 5.28 9.23
N ASP B 180 -9.13 4.67 10.18
CA ASP B 180 -8.90 3.29 10.61
C ASP B 180 -7.42 3.09 10.93
N MET B 181 -6.99 3.80 11.97
CA MET B 181 -5.58 4.01 12.21
C MET B 181 -4.88 2.76 12.70
N MET B 182 -3.64 2.58 12.24
CA MET B 182 -2.75 1.56 12.79
C MET B 182 -2.45 1.82 14.26
N GLY B 183 -1.92 0.80 14.93
CA GLY B 183 -1.53 0.95 16.32
C GLY B 183 -1.93 -0.22 17.19
N GLY B 184 -3.01 -0.90 16.84
CA GLY B 184 -3.43 -2.05 17.63
C GLY B 184 -4.00 -1.61 18.96
N GLN B 185 -3.54 -2.27 20.02
CA GLN B 185 -4.00 -1.99 21.37
C GLN B 185 -3.21 -0.89 22.06
N ARG B 186 -2.24 -0.28 21.38
CA ARG B 186 -1.52 0.85 21.94
C ARG B 186 -2.32 2.13 21.70
N MET B 187 -1.78 3.27 22.14
CA MET B 187 -2.38 4.59 21.89
C MET B 187 -3.80 4.67 22.45
N LYS B 188 -3.96 4.17 23.68
CA LYS B 188 -5.27 4.15 24.29
C LYS B 188 -5.68 5.48 24.92
N LYS B 189 -4.76 6.42 25.13
CA LYS B 189 -5.06 7.62 25.89
C LYS B 189 -4.58 8.89 25.20
N TRP B 190 -5.16 10.02 25.63
CA TRP B 190 -4.73 11.36 25.24
C TRP B 190 -4.85 11.59 23.74
N MET B 191 -5.80 10.89 23.11
CA MET B 191 -6.03 11.02 21.67
C MET B 191 -4.77 10.71 20.87
N LEU B 192 -3.94 9.79 21.39
CA LEU B 192 -2.72 9.45 20.66
C LEU B 192 -2.98 8.97 19.22
N PRO B 193 -4.08 8.28 18.89
CA PRO B 193 -4.29 7.91 17.47
C PRO B 193 -4.42 9.11 16.56
N ALA B 194 -5.05 10.20 17.03
CA ALA B 194 -5.15 11.40 16.21
C ALA B 194 -3.81 12.10 16.08
N LEU B 195 -2.95 11.96 17.08
CA LEU B 195 -1.70 12.73 17.13
C LEU B 195 -0.53 12.01 16.48
N VAL B 196 -0.51 10.68 16.56
CA VAL B 196 0.58 9.85 16.04
C VAL B 196 0.12 9.06 14.82
N ALA B 197 -0.95 8.29 14.98
CA ALA B 197 -1.34 7.34 13.94
C ALA B 197 -1.90 8.05 12.71
N MET B 198 -2.70 9.11 12.89
CA MET B 198 -3.24 9.83 11.73
C MET B 198 -2.16 10.41 10.84
N PRO B 199 -1.17 11.15 11.35
CA PRO B 199 -0.12 11.67 10.46
C PRO B 199 0.70 10.59 9.80
N ALA B 200 0.91 9.46 10.48
CA ALA B 200 1.67 8.36 9.87
C ALA B 200 0.86 7.67 8.78
N GLU B 201 -0.43 7.45 9.02
CA GLU B 201 -1.32 6.91 8.00
C GLU B 201 -1.23 7.71 6.71
N THR B 202 -1.28 9.04 6.80
CA THR B 202 -1.26 9.85 5.59
C THR B 202 0.10 9.77 4.92
N GLN B 203 1.18 9.90 5.70
CA GLN B 203 2.51 9.70 5.12
C GLN B 203 2.61 8.35 4.41
N LEU B 204 2.09 7.28 5.03
CA LEU B 204 2.17 5.95 4.43
C LEU B 204 1.45 5.92 3.09
N ALA B 205 0.28 6.54 3.01
CA ALA B 205 -0.48 6.60 1.78
C ALA B 205 0.33 7.27 0.67
N ILE B 206 0.99 8.39 0.98
CA ILE B 206 1.76 9.12 -0.02
C ILE B 206 2.95 8.30 -0.49
N LEU B 207 3.67 7.67 0.46
CA LEU B 207 4.86 6.89 0.10
C LEU B 207 4.47 5.64 -0.65
N SER B 208 3.34 5.04 -0.28
CA SER B 208 2.81 3.88 -1.01
C SER B 208 2.63 4.23 -2.49
N LEU B 209 2.06 5.40 -2.77
CA LEU B 209 1.97 5.85 -4.17
C LEU B 209 3.35 6.07 -4.78
N ILE B 210 4.23 6.79 -4.07
CA ILE B 210 5.52 7.15 -4.65
C ILE B 210 6.40 5.92 -4.84
N LEU B 211 6.63 5.15 -3.77
CA LEU B 211 7.61 4.07 -3.83
C LEU B 211 7.14 2.87 -4.63
N SER B 212 5.84 2.69 -4.82
CA SER B 212 5.34 1.62 -5.68
C SER B 212 5.43 1.96 -7.16
N GLY B 213 5.82 3.19 -7.50
CA GLY B 213 5.75 3.63 -8.88
C GLY B 213 4.36 3.95 -9.38
N ALA B 214 3.37 4.08 -8.50
CA ALA B 214 2.01 4.33 -8.96
C ALA B 214 1.90 5.64 -9.74
N PHE B 215 2.69 6.65 -9.39
CA PHE B 215 2.62 7.91 -10.12
C PHE B 215 3.17 7.78 -11.54
N GLU B 216 4.01 6.78 -11.79
CA GLU B 216 4.44 6.48 -13.15
C GLU B 216 3.31 5.91 -14.01
N ARG B 217 2.28 5.34 -13.39
CA ARG B 217 1.13 4.75 -14.09
C ARG B 217 -0.11 5.63 -14.05
N ILE B 218 -0.36 6.35 -12.96
CA ILE B 218 -1.56 7.18 -12.85
C ILE B 218 -1.42 8.40 -13.76
N PRO B 219 -2.44 8.77 -14.54
CA PRO B 219 -2.32 9.97 -15.39
C PRO B 219 -2.03 11.23 -14.58
N LYS B 220 -1.23 12.12 -15.16
CA LYS B 220 -0.90 13.37 -14.49
C LYS B 220 -2.11 14.25 -14.27
N SER B 221 -3.23 13.96 -14.96
CA SER B 221 -4.48 14.67 -14.76
C SER B 221 -5.04 14.51 -13.35
N LEU B 222 -4.62 13.49 -12.63
CA LEU B 222 -5.15 13.22 -11.29
C LEU B 222 -4.91 14.40 -10.38
N LYS B 223 -6.00 14.93 -9.82
CA LYS B 223 -5.95 15.94 -8.77
C LYS B 223 -6.24 15.23 -7.46
N ILE B 224 -5.25 15.15 -6.59
CA ILE B 224 -5.40 14.39 -5.36
C ILE B 224 -4.73 15.17 -4.23
N CYS B 225 -5.42 15.27 -3.09
CA CYS B 225 -4.94 16.08 -1.99
C CYS B 225 -4.95 15.25 -0.72
N PHE B 226 -3.95 15.46 0.13
CA PHE B 226 -3.79 14.68 1.34
C PHE B 226 -4.00 15.56 2.57
N GLY B 227 -4.79 15.06 3.52
CA GLY B 227 -5.20 15.85 4.66
C GLY B 227 -4.05 16.14 5.62
N HIS B 228 -4.29 17.14 6.48
CA HIS B 228 -3.36 17.52 7.55
C HIS B 228 -1.96 17.73 7.01
N GLY B 229 -1.86 18.50 5.93
CA GLY B 229 -0.56 18.82 5.41
C GLY B 229 0.22 17.66 4.82
N GLY B 230 -0.42 16.51 4.66
CA GLY B 230 0.33 15.31 4.29
C GLY B 230 0.85 14.52 5.47
N GLY B 231 0.35 14.76 6.67
CA GLY B 231 0.86 14.08 7.83
C GLY B 231 2.32 14.47 8.04
N SER B 232 3.16 13.48 8.32
CA SER B 232 4.58 13.71 8.53
C SER B 232 5.42 13.66 7.26
N PHE B 233 4.78 13.62 6.09
CA PHE B 233 5.51 13.33 4.84
C PHE B 233 6.61 14.35 4.57
N ALA B 234 6.27 15.64 4.57
CA ALA B 234 7.22 16.67 4.17
C ALA B 234 8.44 16.69 5.09
N PHE B 235 8.22 16.48 6.39
CA PHE B 235 9.35 16.52 7.32
C PHE B 235 10.22 15.28 7.18
N LEU B 236 9.62 14.14 6.85
CA LEU B 236 10.35 12.88 6.78
C LEU B 236 10.86 12.59 5.37
N LEU B 237 10.82 13.57 4.48
CA LEU B 237 11.14 13.31 3.07
C LEU B 237 12.63 13.11 2.85
N GLY B 238 13.49 13.89 3.51
CA GLY B 238 14.92 13.68 3.37
C GLY B 238 15.35 12.29 3.78
N ARG B 239 14.68 11.72 4.79
CA ARG B 239 14.96 10.36 5.23
C ARG B 239 14.54 9.34 4.17
N VAL B 240 13.46 9.62 3.45
CA VAL B 240 13.02 8.74 2.36
C VAL B 240 13.99 8.82 1.18
N ASP B 241 14.38 10.04 0.80
CA ASP B 241 15.34 10.20 -0.30
C ASP B 241 16.65 9.50 0.01
N ASN B 242 17.15 9.67 1.23
CA ASN B 242 18.38 8.99 1.63
C ASN B 242 18.23 7.47 1.50
N ALA B 243 17.10 6.93 1.97
CA ALA B 243 16.88 5.50 1.85
C ALA B 243 16.85 5.07 0.39
N TRP B 244 16.20 5.88 -0.46
CA TRP B 244 16.13 5.58 -1.88
C TRP B 244 17.53 5.58 -2.49
N ARG B 245 18.33 6.59 -2.20
CA ARG B 245 19.64 6.67 -2.84
C ARG B 245 20.58 5.54 -2.40
N HIS B 246 20.32 4.90 -1.26
CA HIS B 246 21.27 3.94 -0.71
C HIS B 246 20.75 2.53 -0.52
N ARG B 247 19.53 2.20 -0.94
CA ARG B 247 19.04 0.83 -0.84
C ARG B 247 18.28 0.48 -2.10
N ASP B 248 18.73 -0.56 -2.80
CA ASP B 248 18.15 -0.90 -4.08
C ASP B 248 16.67 -1.25 -3.95
N ILE B 249 16.31 -1.95 -2.88
CA ILE B 249 14.92 -2.38 -2.74
C ILE B 249 14.01 -1.21 -2.38
N VAL B 250 14.56 -0.08 -1.93
CA VAL B 250 13.73 1.12 -1.83
C VAL B 250 13.54 1.71 -3.23
N ARG B 251 14.51 1.49 -4.11
CA ARG B 251 14.59 2.07 -5.45
C ARG B 251 13.86 1.26 -6.52
N GLU B 252 13.50 0.00 -6.26
CA GLU B 252 13.24 -0.92 -7.36
C GLU B 252 12.01 -0.54 -8.17
N ASP B 253 11.02 0.11 -7.55
CA ASP B 253 9.78 0.42 -8.25
C ASP B 253 9.57 1.91 -8.46
N CYS B 254 10.54 2.74 -8.08
CA CYS B 254 10.36 4.19 -8.12
C CYS B 254 11.55 4.80 -8.84
N PRO B 255 11.41 5.13 -10.14
CA PRO B 255 12.59 5.46 -10.95
C PRO B 255 13.21 6.83 -10.71
N ARG B 256 12.52 7.73 -10.01
CA ARG B 256 13.05 9.06 -9.71
C ARG B 256 13.16 9.24 -8.20
N PRO B 257 13.97 10.20 -7.74
CA PRO B 257 14.01 10.49 -6.30
C PRO B 257 12.62 10.84 -5.80
N PRO B 258 12.17 10.19 -4.73
CA PRO B 258 10.79 10.39 -4.25
C PRO B 258 10.38 11.84 -4.10
N SER B 259 11.29 12.75 -3.69
CA SER B 259 10.90 14.15 -3.51
C SER B 259 10.50 14.82 -4.82
N GLU B 260 10.84 14.23 -5.96
CA GLU B 260 10.46 14.84 -7.23
C GLU B 260 8.96 14.69 -7.52
N TYR B 261 8.30 13.75 -6.86
CA TYR B 261 6.88 13.50 -7.09
C TYR B 261 5.96 14.46 -6.36
N VAL B 262 6.48 15.46 -5.64
CA VAL B 262 5.59 16.42 -4.98
C VAL B 262 4.79 17.20 -6.01
N ASP B 263 5.22 17.19 -7.29
CA ASP B 263 4.44 17.83 -8.35
C ASP B 263 3.26 16.98 -8.80
N ARG B 264 2.99 15.86 -8.13
CA ARG B 264 1.89 14.98 -8.50
C ARG B 264 0.77 14.96 -7.47
N PHE B 265 0.84 15.75 -6.40
CA PHE B 265 -0.26 15.78 -5.43
C PHE B 265 -0.25 17.10 -4.67
N PHE B 266 -1.31 17.31 -3.89
CA PHE B 266 -1.54 18.49 -3.07
C PHE B 266 -1.62 18.09 -1.61
N VAL B 267 -1.56 19.09 -0.73
CA VAL B 267 -1.84 18.90 0.70
C VAL B 267 -2.67 20.08 1.18
N ASP B 268 -3.41 19.85 2.27
CA ASP B 268 -4.03 21.00 2.90
C ASP B 268 -2.98 21.66 3.82
N SER B 269 -3.36 22.78 4.45
CA SER B 269 -2.42 23.61 5.18
C SER B 269 -2.45 23.37 6.68
N ALA B 270 -3.18 22.35 7.14
CA ALA B 270 -3.52 22.22 8.57
C ALA B 270 -2.38 21.54 9.33
N VAL B 271 -1.36 22.33 9.67
CA VAL B 271 -0.23 21.84 10.45
C VAL B 271 0.00 22.61 11.76
N PHE B 272 -0.78 23.66 12.02
CA PHE B 272 -0.92 24.27 13.34
C PHE B 272 0.40 24.83 13.89
N ASN B 273 1.28 25.29 13.01
CA ASN B 273 2.58 25.80 13.44
C ASN B 273 3.23 26.59 12.32
N PRO B 274 3.76 27.79 12.61
CA PRO B 274 4.33 28.60 11.52
C PRO B 274 5.52 27.95 10.84
N GLY B 275 6.46 27.40 11.61
CA GLY B 275 7.63 26.78 11.02
C GLY B 275 7.28 25.53 10.21
N ALA B 276 6.31 24.74 10.69
CA ALA B 276 5.87 23.58 9.91
C ALA B 276 5.21 24.01 8.60
N LEU B 277 4.44 25.10 8.62
CA LEU B 277 3.86 25.59 7.37
C LEU B 277 4.95 26.02 6.40
N GLU B 278 5.99 26.72 6.89
CA GLU B 278 7.03 27.21 5.99
C GLU B 278 7.78 26.05 5.35
N LEU B 279 8.10 25.02 6.15
CA LEU B 279 8.75 23.84 5.61
C LEU B 279 7.86 23.16 4.58
N LEU B 280 6.56 23.06 4.89
CA LEU B 280 5.61 22.44 3.99
C LEU B 280 5.54 23.17 2.64
N VAL B 281 5.46 24.50 2.68
CA VAL B 281 5.39 25.26 1.44
C VAL B 281 6.70 25.14 0.66
N SER B 282 7.84 25.15 1.36
CA SER B 282 9.09 24.99 0.63
C SER B 282 9.22 23.58 0.04
N VAL B 283 8.65 22.56 0.69
CA VAL B 283 8.66 21.20 0.12
C VAL B 283 7.66 21.10 -1.03
N MET B 284 6.44 21.56 -0.84
CA MET B 284 5.36 21.33 -1.80
C MET B 284 5.27 22.41 -2.86
N GLY B 285 5.76 23.61 -2.58
CA GLY B 285 5.56 24.72 -3.49
C GLY B 285 4.26 25.43 -3.20
N GLU B 286 4.24 26.74 -3.46
CA GLU B 286 3.09 27.55 -3.10
C GLU B 286 1.84 27.18 -3.89
N ASP B 287 1.99 26.45 -5.00
CA ASP B 287 0.84 26.10 -5.82
C ASP B 287 0.13 24.84 -5.37
N ARG B 288 0.66 24.13 -4.37
CA ARG B 288 0.16 22.81 -4.04
C ARG B 288 -0.30 22.67 -2.60
N VAL B 289 -0.46 23.78 -1.89
CA VAL B 289 -0.95 23.79 -0.51
C VAL B 289 -2.23 24.59 -0.50
N MET B 290 -3.30 24.01 0.08
CA MET B 290 -4.61 24.64 0.11
C MET B 290 -5.07 24.79 1.55
N LEU B 291 -5.64 25.95 1.86
CA LEU B 291 -6.20 26.15 3.19
C LEU B 291 -7.27 25.10 3.50
N GLY B 292 -7.10 24.41 4.61
CA GLY B 292 -8.12 23.52 5.13
C GLY B 292 -8.09 23.60 6.65
N SER B 293 -9.25 23.47 7.25
CA SER B 293 -9.41 23.78 8.68
C SER B 293 -9.75 22.58 9.57
N ASP B 294 -10.32 21.51 9.03
CA ASP B 294 -10.95 20.44 9.84
C ASP B 294 -12.14 20.92 10.66
N TYR B 295 -12.71 22.05 10.28
CA TYR B 295 -13.97 22.50 10.83
C TYR B 295 -15.01 21.39 10.75
N PRO B 296 -15.87 21.21 11.76
CA PRO B 296 -15.96 21.97 13.01
C PRO B 296 -15.39 21.22 14.21
N PHE B 297 -14.40 20.33 14.00
CA PHE B 297 -13.99 19.48 15.10
C PHE B 297 -12.94 20.15 15.98
N PRO B 298 -12.83 19.73 17.25
CA PRO B 298 -11.87 20.36 18.18
C PRO B 298 -10.43 20.40 17.68
N LEU B 299 -9.99 19.36 16.97
CA LEU B 299 -8.60 19.32 16.48
C LEU B 299 -8.43 20.10 15.19
N GLY B 300 -9.46 20.83 14.76
CA GLY B 300 -9.33 21.75 13.65
C GLY B 300 -8.77 23.10 14.07
N GLU B 301 -8.67 23.99 13.09
CA GLU B 301 -8.15 25.33 13.33
C GLU B 301 -9.27 26.24 13.82
N GLN B 302 -9.13 26.78 15.03
CA GLN B 302 -10.26 27.55 15.58
C GLN B 302 -10.49 28.85 14.81
N LYS B 303 -9.42 29.55 14.44
CA LYS B 303 -9.50 30.73 13.57
C LYS B 303 -9.08 30.28 12.18
N ILE B 304 -10.08 29.98 11.35
CA ILE B 304 -9.84 29.41 10.03
C ILE B 304 -9.00 30.38 9.21
N GLY B 305 -7.86 29.89 8.71
CA GLY B 305 -6.98 30.72 7.91
C GLY B 305 -5.98 31.57 8.68
N GLY B 306 -6.02 31.52 10.02
CA GLY B 306 -5.16 32.42 10.80
C GLY B 306 -3.69 32.10 10.65
N LEU B 307 -3.35 30.80 10.59
CA LEU B 307 -1.96 30.41 10.43
C LEU B 307 -1.40 30.91 9.11
N VAL B 308 -2.17 30.78 8.03
CA VAL B 308 -1.67 31.20 6.73
C VAL B 308 -1.61 32.73 6.67
N LEU B 309 -2.64 33.40 7.21
CA LEU B 309 -2.72 34.86 7.11
C LEU B 309 -1.68 35.56 7.97
N SER B 310 -1.29 34.98 9.09
CA SER B 310 -0.27 35.56 9.96
C SER B 310 1.14 35.08 9.59
N SER B 311 1.28 34.28 8.55
CA SER B 311 2.57 33.76 8.16
C SER B 311 3.42 34.83 7.48
N ASN B 312 4.68 34.47 7.22
CA ASN B 312 5.61 35.33 6.52
C ASN B 312 5.75 34.97 5.05
N LEU B 313 4.80 34.22 4.50
CA LEU B 313 4.78 33.98 3.07
C LEU B 313 4.35 35.26 2.35
N GLY B 314 4.69 35.35 1.07
CA GLY B 314 4.30 36.51 0.30
C GLY B 314 2.80 36.62 0.15
N GLU B 315 2.34 37.82 -0.21
CA GLU B 315 0.92 38.00 -0.52
C GLU B 315 0.48 37.06 -1.63
N SER B 316 1.34 36.87 -2.64
CA SER B 316 1.00 35.98 -3.76
C SER B 316 0.83 34.55 -3.28
N ALA B 317 1.80 34.04 -2.51
CA ALA B 317 1.68 32.69 -1.96
C ALA B 317 0.44 32.55 -1.08
N LYS B 318 0.16 33.56 -0.23
CA LYS B 318 -1.00 33.50 0.65
C LYS B 318 -2.30 33.42 -0.15
N ASP B 319 -2.42 34.24 -1.20
CA ASP B 319 -3.64 34.23 -2.00
C ASP B 319 -3.83 32.88 -2.68
N LYS B 320 -2.75 32.26 -3.14
CA LYS B 320 -2.84 30.91 -3.68
C LYS B 320 -3.35 29.92 -2.65
N ILE B 321 -2.75 29.95 -1.44
CA ILE B 321 -3.10 28.95 -0.43
C ILE B 321 -4.53 29.13 0.04
N ILE B 322 -4.98 30.38 0.25
CA ILE B 322 -6.31 30.59 0.82
C ILE B 322 -7.42 30.63 -0.23
N SER B 323 -7.10 30.63 -1.52
CA SER B 323 -8.14 30.82 -2.51
C SER B 323 -7.79 30.23 -3.86
N GLY B 324 -6.64 30.63 -4.40
CA GLY B 324 -6.33 30.34 -5.79
C GLY B 324 -6.19 28.86 -6.07
N ASN B 325 -5.48 28.14 -5.19
CA ASN B 325 -5.22 26.71 -5.44
C ASN B 325 -6.52 25.92 -5.42
N ALA B 326 -7.34 26.10 -4.38
CA ALA B 326 -8.58 25.33 -4.29
C ALA B 326 -9.57 25.71 -5.37
N SER B 327 -9.56 26.98 -5.79
CA SER B 327 -10.43 27.41 -6.87
C SER B 327 -10.17 26.60 -8.13
N LYS B 328 -8.88 26.37 -8.45
CA LYS B 328 -8.51 25.59 -9.61
C LYS B 328 -8.65 24.08 -9.35
N PHE B 329 -8.33 23.65 -8.13
CA PHE B 329 -8.37 22.22 -7.81
C PHE B 329 -9.79 21.66 -7.93
N PHE B 330 -10.76 22.35 -7.34
CA PHE B 330 -12.14 21.85 -7.30
C PHE B 330 -13.02 22.46 -8.37
N ASN B 331 -12.49 23.39 -9.18
CA ASN B 331 -13.27 24.10 -10.19
C ASN B 331 -14.39 24.93 -9.54
N ILE B 332 -13.95 25.87 -8.69
CA ILE B 332 -14.82 26.85 -8.05
C ILE B 332 -14.41 28.23 -8.56
N ASN B 333 -15.40 29.11 -8.74
CA ASN B 333 -15.09 30.47 -9.16
C ASN B 333 -15.53 31.50 -8.13
N PRO C 4 37.16 18.57 17.62
CA PRO C 4 36.65 17.32 18.18
C PRO C 4 35.27 16.97 17.59
N ARG C 5 35.01 15.68 17.31
CA ARG C 5 33.82 15.30 16.55
C ARG C 5 33.28 13.99 17.09
N ILE C 6 32.10 14.04 17.70
CA ILE C 6 31.45 12.87 18.30
C ILE C 6 30.26 12.46 17.45
N ASP C 7 30.12 11.16 17.22
CA ASP C 7 28.91 10.59 16.63
C ASP C 7 28.30 9.69 17.69
N MET C 8 27.16 10.08 18.24
CA MET C 8 26.58 9.35 19.35
C MET C 8 25.49 8.38 18.91
N HIS C 9 25.28 8.19 17.60
CA HIS C 9 24.30 7.23 17.14
C HIS C 9 24.95 6.28 16.14
N SER C 10 25.13 5.03 16.56
CA SER C 10 25.88 4.04 15.79
C SER C 10 25.69 2.68 16.44
N HIS C 11 25.88 1.63 15.65
CA HIS C 11 25.56 0.29 16.10
C HIS C 11 26.72 -0.67 15.86
N PHE C 12 26.63 -1.81 16.53
CA PHE C 12 27.63 -2.86 16.45
C PHE C 12 26.91 -4.18 16.69
N PHE C 13 27.48 -5.26 16.13
CA PHE C 13 27.04 -6.60 16.48
C PHE C 13 28.27 -7.42 16.84
N PRO C 14 28.21 -8.21 17.91
CA PRO C 14 29.39 -8.93 18.36
C PRO C 14 29.58 -10.27 17.65
N ARG C 15 30.85 -10.68 17.59
CA ARG C 15 31.17 -12.02 17.10
C ARG C 15 30.57 -13.08 18.01
N ILE C 16 29.29 -13.32 17.88
CA ILE C 16 28.65 -14.50 18.45
C ILE C 16 28.61 -15.54 17.34
N SER C 17 28.76 -16.79 17.73
CA SER C 17 28.67 -17.90 16.78
C SER C 17 27.39 -18.70 17.00
N GLU C 18 27.06 -19.51 16.00
CA GLU C 18 25.77 -20.20 15.96
C GLU C 18 25.52 -21.01 17.22
N GLN C 19 26.57 -21.62 17.77
CA GLN C 19 26.39 -22.47 18.95
C GLN C 19 26.37 -21.65 20.24
N GLU C 20 27.12 -20.54 20.28
CA GLU C 20 27.08 -19.68 21.46
C GLU C 20 25.67 -19.15 21.70
N ALA C 21 25.09 -18.53 20.67
CA ALA C 21 23.72 -18.02 20.81
C ALA C 21 22.75 -19.13 21.18
N ALA C 22 22.92 -20.31 20.60
CA ALA C 22 21.96 -21.39 20.78
C ALA C 22 21.91 -21.89 22.22
N LYS C 23 22.90 -21.55 23.04
CA LYS C 23 22.86 -21.91 24.46
C LYS C 23 21.82 -21.10 25.21
N PHE C 24 21.38 -19.96 24.65
CA PHE C 24 20.28 -19.17 25.19
C PHE C 24 18.95 -19.58 24.57
N ASP C 25 18.82 -19.43 23.25
CA ASP C 25 17.70 -20.00 22.51
C ASP C 25 18.12 -20.23 21.07
N ALA C 26 17.81 -21.42 20.55
CA ALA C 26 18.26 -21.79 19.20
C ALA C 26 17.76 -20.81 18.14
N ASN C 27 16.45 -20.53 18.15
CA ASN C 27 15.86 -19.63 17.15
C ASN C 27 15.73 -18.19 17.64
N HIS C 28 15.65 -17.98 18.95
CA HIS C 28 15.32 -16.67 19.49
C HIS C 28 16.53 -15.92 20.00
N ALA C 29 17.74 -16.50 19.97
CA ALA C 29 18.96 -15.76 20.27
C ALA C 29 19.74 -15.53 18.99
N PRO C 30 20.06 -14.29 18.63
CA PRO C 30 20.77 -14.05 17.37
C PRO C 30 22.27 -14.31 17.48
N TRP C 31 22.90 -14.43 16.33
CA TRP C 31 24.34 -14.64 16.26
C TRP C 31 24.83 -14.14 14.90
N LEU C 32 26.10 -14.41 14.60
CA LEU C 32 26.75 -13.85 13.42
C LEU C 32 27.30 -14.98 12.56
N GLN C 33 26.86 -15.03 11.30
CA GLN C 33 27.44 -15.91 10.29
C GLN C 33 28.32 -15.07 9.38
N VAL C 34 29.60 -15.42 9.29
CA VAL C 34 30.53 -14.73 8.40
C VAL C 34 30.66 -15.50 7.08
N THR C 40 31.63 -7.80 4.64
CA THR C 40 31.96 -9.18 4.38
C THR C 40 31.22 -10.09 5.37
N GLY C 41 29.91 -10.20 5.24
CA GLY C 41 29.16 -11.13 6.08
C GLY C 41 27.78 -10.59 6.41
N SER C 42 27.04 -11.41 7.16
CA SER C 42 25.62 -11.14 7.39
C SER C 42 25.18 -11.62 8.76
N ILE C 43 24.53 -10.74 9.52
CA ILE C 43 23.96 -11.10 10.81
C ILE C 43 22.81 -12.10 10.62
N MET C 44 22.62 -12.96 11.62
CA MET C 44 21.78 -14.15 11.51
C MET C 44 20.95 -14.32 12.78
N MET C 45 19.79 -14.98 12.64
CA MET C 45 18.89 -15.18 13.78
C MET C 45 18.62 -16.65 14.10
N GLY C 46 19.26 -17.58 13.40
CA GLY C 46 19.16 -18.96 13.81
C GLY C 46 19.54 -19.93 12.70
N LYS C 47 18.64 -20.09 11.74
CA LYS C 47 18.94 -20.76 10.49
C LYS C 47 18.49 -19.91 9.31
N ASN C 48 18.06 -18.68 9.56
CA ASN C 48 17.58 -17.75 8.55
C ASN C 48 18.43 -16.48 8.63
N ASN C 49 18.93 -16.03 7.49
CA ASN C 49 19.83 -14.88 7.45
C ASN C 49 19.04 -13.58 7.56
N PHE C 50 19.40 -12.76 8.55
CA PHE C 50 18.62 -11.62 9.01
C PHE C 50 18.95 -10.33 8.25
N ARG C 51 20.22 -9.95 8.16
CA ARG C 51 20.60 -8.75 7.40
C ARG C 51 21.99 -8.89 6.81
N PRO C 52 22.17 -8.61 5.53
CA PRO C 52 23.52 -8.39 5.00
C PRO C 52 24.19 -7.21 5.72
N VAL C 53 25.50 -7.33 5.89
CA VAL C 53 26.27 -6.40 6.72
C VAL C 53 27.46 -5.91 5.90
N TYR C 54 28.41 -5.25 6.56
CA TYR C 54 29.80 -5.10 6.12
C TYR C 54 30.64 -4.88 7.38
N GLN C 55 31.95 -4.65 7.21
CA GLN C 55 32.89 -4.99 8.27
C GLN C 55 32.80 -4.06 9.49
N ALA C 56 31.98 -3.02 9.43
CA ALA C 56 31.91 -2.15 10.59
C ALA C 56 31.12 -2.78 11.74
N LEU C 57 30.00 -3.45 11.44
CA LEU C 57 29.11 -3.93 12.49
C LEU C 57 29.81 -4.84 13.48
N TRP C 58 30.77 -5.65 13.03
CA TRP C 58 31.36 -6.69 13.86
C TRP C 58 32.81 -6.44 14.26
N ASP C 59 33.56 -5.65 13.49
CA ASP C 59 35.01 -5.59 13.67
C ASP C 59 35.44 -4.24 14.21
N PRO C 60 35.88 -4.16 15.47
CA PRO C 60 36.38 -2.88 16.00
C PRO C 60 37.56 -2.32 15.24
N ALA C 61 38.39 -3.18 14.65
CA ALA C 61 39.62 -2.69 14.01
C ALA C 61 39.32 -1.91 12.75
N PHE C 62 38.53 -2.48 11.84
CA PHE C 62 38.21 -1.79 10.59
C PHE C 62 37.40 -0.54 10.85
N ARG C 63 36.42 -0.62 11.77
CA ARG C 63 35.55 0.53 12.05
C ARG C 63 36.35 1.79 12.31
N ILE C 64 37.53 1.66 12.95
CA ILE C 64 38.31 2.84 13.30
C ILE C 64 38.83 3.54 12.06
N GLU C 65 39.33 2.78 11.09
CA GLU C 65 39.88 3.42 9.90
C GLU C 65 38.79 4.11 9.08
N GLU C 66 37.55 3.60 9.14
CA GLU C 66 36.42 4.36 8.62
C GLU C 66 36.28 5.69 9.32
N MET C 67 36.20 5.67 10.65
CA MET C 67 36.09 6.90 11.42
C MET C 67 37.16 7.90 11.02
N ASP C 68 38.38 7.41 10.79
CA ASP C 68 39.46 8.29 10.38
C ASP C 68 39.17 8.93 9.02
N ALA C 69 38.56 8.16 8.12
CA ALA C 69 38.22 8.69 6.81
C ALA C 69 37.17 9.79 6.92
N GLN C 70 36.21 9.62 7.83
CA GLN C 70 35.10 10.57 7.97
C GLN C 70 35.54 11.86 8.66
N GLY C 71 36.23 11.72 9.80
CA GLY C 71 36.52 12.86 10.64
C GLY C 71 35.93 12.64 12.02
N VAL C 72 35.57 11.39 12.29
CA VAL C 72 34.93 11.00 13.54
C VAL C 72 36.02 10.65 14.54
N ASP C 73 36.26 11.57 15.49
CA ASP C 73 37.26 11.29 16.51
C ASP C 73 36.75 10.31 17.54
N VAL C 74 35.51 10.50 18.02
CA VAL C 74 34.90 9.62 19.00
C VAL C 74 33.55 9.15 18.47
N GLN C 75 33.22 7.88 18.75
CA GLN C 75 31.92 7.35 18.36
C GLN C 75 31.33 6.56 19.51
N VAL C 76 30.07 6.87 19.82
CA VAL C 76 29.31 6.10 20.81
C VAL C 76 28.52 5.03 20.07
N THR C 77 28.56 3.81 20.58
CA THR C 77 27.96 2.69 19.87
C THR C 77 27.20 1.83 20.87
N CYS C 78 26.11 1.25 20.38
CA CYS C 78 25.25 0.44 21.22
C CYS C 78 24.76 -0.73 20.39
N ALA C 79 23.98 -1.58 21.02
CA ALA C 79 23.51 -2.80 20.40
C ALA C 79 22.69 -2.51 19.15
N THR C 80 22.67 -3.50 18.27
CA THR C 80 21.67 -3.53 17.21
C THR C 80 20.36 -4.04 17.80
N PRO C 81 19.23 -3.35 17.57
CA PRO C 81 17.99 -3.66 18.29
C PRO C 81 17.63 -5.14 18.28
N VAL C 82 18.08 -5.90 17.28
CA VAL C 82 17.84 -7.34 17.24
C VAL C 82 18.20 -8.03 18.56
N MET C 83 19.17 -7.48 19.29
CA MET C 83 19.73 -8.15 20.44
C MET C 83 19.00 -7.89 21.75
N PHE C 84 17.92 -7.11 21.72
CA PHE C 84 17.31 -6.66 22.97
C PHE C 84 16.75 -7.82 23.77
N GLY C 85 16.03 -8.73 23.14
CA GLY C 85 15.50 -9.88 23.86
C GLY C 85 14.42 -9.55 24.86
N TYR C 86 13.65 -8.49 24.62
CA TYR C 86 12.59 -8.09 25.55
C TYR C 86 11.48 -9.13 25.68
N THR C 87 11.34 -10.04 24.72
CA THR C 87 10.31 -11.07 24.78
C THR C 87 10.75 -12.34 25.52
N TRP C 88 12.00 -12.41 25.98
CA TRP C 88 12.51 -13.64 26.58
C TRP C 88 12.10 -13.73 28.04
N GLU C 89 12.27 -14.93 28.60
CA GLU C 89 12.24 -15.11 30.05
C GLU C 89 13.22 -14.14 30.68
N ALA C 90 12.85 -13.61 31.86
CA ALA C 90 13.58 -12.48 32.43
C ALA C 90 15.05 -12.81 32.64
N ASN C 91 15.35 -13.95 33.27
CA ASN C 91 16.74 -14.24 33.63
C ASN C 91 17.57 -14.58 32.40
N LYS C 92 17.01 -15.35 31.47
CA LYS C 92 17.70 -15.60 30.21
C LYS C 92 18.10 -14.28 29.54
N ALA C 93 17.16 -13.33 29.47
CA ALA C 93 17.45 -12.04 28.88
C ALA C 93 18.46 -11.26 29.71
N ALA C 94 18.38 -11.33 31.03
CA ALA C 94 19.34 -10.65 31.89
C ALA C 94 20.77 -11.11 31.61
N GLN C 95 21.01 -12.43 31.66
CA GLN C 95 22.35 -12.94 31.40
C GLN C 95 22.77 -12.67 29.97
N TRP C 96 21.83 -12.68 29.03
CA TRP C 96 22.14 -12.30 27.66
C TRP C 96 22.63 -10.85 27.60
N ALA C 97 21.88 -9.94 28.23
CA ALA C 97 22.29 -8.54 28.27
C ALA C 97 23.71 -8.42 28.83
N GLU C 98 23.95 -9.06 29.98
CA GLU C 98 25.28 -9.01 30.59
C GLU C 98 26.37 -9.43 29.61
N ARG C 99 26.10 -10.47 28.81
CA ARG C 99 27.09 -10.94 27.84
C ARG C 99 27.32 -9.91 26.75
N MET C 100 26.25 -9.41 26.14
CA MET C 100 26.39 -8.41 25.09
C MET C 100 27.10 -7.17 25.61
N ASN C 101 26.78 -6.76 26.84
CA ASN C 101 27.42 -5.58 27.40
C ASN C 101 28.91 -5.84 27.63
N ASP C 102 29.25 -6.97 28.24
CA ASP C 102 30.65 -7.37 28.31
C ASP C 102 31.25 -7.42 26.92
N PHE C 103 30.51 -7.99 25.97
CA PHE C 103 30.97 -8.05 24.59
C PHE C 103 31.24 -6.67 24.02
N ALA C 104 30.43 -5.67 24.40
CA ALA C 104 30.61 -4.32 23.87
C ALA C 104 31.84 -3.65 24.46
N LEU C 105 32.08 -3.84 25.76
CA LEU C 105 33.32 -3.32 26.33
C LEU C 105 34.53 -3.99 25.70
N GLU C 106 34.43 -5.30 25.40
CA GLU C 106 35.45 -5.99 24.61
C GLU C 106 35.64 -5.29 23.26
N PHE C 107 34.52 -4.98 22.59
CA PHE C 107 34.56 -4.24 21.33
C PHE C 107 35.26 -2.89 21.50
N ALA C 108 34.94 -2.17 22.57
CA ALA C 108 35.51 -0.85 22.80
C ALA C 108 36.93 -0.89 23.36
N ALA C 109 37.29 -1.98 24.05
CA ALA C 109 38.62 -2.11 24.64
C ALA C 109 39.73 -1.96 23.61
N HIS C 110 39.45 -2.28 22.33
CA HIS C 110 40.41 -2.11 21.27
C HIS C 110 40.95 -0.68 21.20
N ASN C 111 40.09 0.31 21.48
CA ASN C 111 40.48 1.72 21.49
C ASN C 111 39.47 2.52 22.31
N PRO C 112 39.46 2.39 23.64
CA PRO C 112 38.41 3.04 24.42
C PRO C 112 38.44 4.56 24.35
N GLN C 113 39.53 5.16 23.88
CA GLN C 113 39.56 6.61 23.73
C GLN C 113 38.68 7.09 22.59
N ARG C 114 38.27 6.18 21.70
CA ARG C 114 37.46 6.56 20.54
C ARG C 114 36.17 5.77 20.40
N ILE C 115 36.02 4.62 21.06
CA ILE C 115 34.77 3.89 21.06
C ILE C 115 34.26 3.86 22.49
N LYS C 116 33.09 4.42 22.71
CA LYS C 116 32.36 4.25 23.95
C LYS C 116 31.10 3.45 23.65
N VAL C 117 30.58 2.77 24.67
CA VAL C 117 29.47 1.87 24.47
C VAL C 117 28.35 2.21 25.43
N LEU C 118 27.11 1.95 25.00
CA LEU C 118 25.95 1.97 25.87
C LEU C 118 25.43 0.55 26.02
N ALA C 119 24.83 0.29 27.17
CA ALA C 119 24.37 -1.06 27.50
C ALA C 119 22.93 -1.31 27.09
N GLN C 120 22.64 -2.56 26.83
CA GLN C 120 21.26 -3.01 26.78
C GLN C 120 20.87 -3.53 28.15
N VAL C 121 19.56 -3.58 28.40
CA VAL C 121 19.07 -4.03 29.70
C VAL C 121 17.87 -4.93 29.49
N PRO C 122 17.64 -5.83 30.42
CA PRO C 122 16.41 -6.62 30.39
C PRO C 122 15.21 -5.77 30.82
N LEU C 123 14.68 -4.98 29.88
CA LEU C 123 13.63 -4.03 30.21
C LEU C 123 12.33 -4.68 30.68
N GLN C 124 12.13 -5.97 30.40
CA GLN C 124 10.91 -6.65 30.81
C GLN C 124 10.83 -6.89 32.32
N ASP C 125 11.94 -6.73 33.04
CA ASP C 125 11.96 -6.85 34.49
C ASP C 125 12.67 -5.62 35.04
N LEU C 126 11.95 -4.83 35.84
CA LEU C 126 12.50 -3.56 36.30
C LEU C 126 13.79 -3.77 37.10
N ASP C 127 13.74 -4.64 38.11
CA ASP C 127 14.89 -4.79 39.00
C ASP C 127 16.11 -5.33 38.26
N LEU C 128 15.91 -6.31 37.39
CA LEU C 128 17.03 -6.80 36.59
C LEU C 128 17.56 -5.70 35.68
N ALA C 129 16.68 -4.86 35.14
CA ALA C 129 17.11 -3.82 34.21
C ALA C 129 17.94 -2.75 34.91
N CYS C 130 17.52 -2.32 36.10
CA CYS C 130 18.29 -1.31 36.83
C CYS C 130 19.62 -1.87 37.33
N LYS C 131 19.65 -3.14 37.73
CA LYS C 131 20.91 -3.73 38.18
C LYS C 131 21.90 -3.80 37.03
N GLU C 132 21.47 -4.34 35.88
CA GLU C 132 22.36 -4.40 34.73
C GLU C 132 22.82 -3.01 34.30
N ALA C 133 21.94 -2.01 34.42
CA ALA C 133 22.30 -0.66 33.99
C ALA C 133 23.41 -0.07 34.85
N SER C 134 23.35 -0.29 36.17
CA SER C 134 24.42 0.19 37.05
C SER C 134 25.69 -0.63 36.86
N ARG C 135 25.56 -1.96 36.86
CA ARG C 135 26.69 -2.84 36.60
C ARG C 135 27.42 -2.42 35.32
N ALA C 136 26.66 -2.07 34.28
CA ALA C 136 27.26 -1.83 32.98
C ALA C 136 27.97 -0.49 32.94
N VAL C 137 27.38 0.55 33.53
CA VAL C 137 28.02 1.86 33.50
C VAL C 137 29.23 1.89 34.43
N ALA C 138 29.17 1.16 35.55
CA ALA C 138 30.35 1.03 36.39
C ALA C 138 31.47 0.26 35.68
N ALA C 139 31.10 -0.74 34.89
CA ALA C 139 32.06 -1.50 34.08
C ALA C 139 32.64 -0.70 32.93
N GLY C 140 32.08 0.46 32.59
CA GLY C 140 32.65 1.27 31.53
C GLY C 140 31.68 1.88 30.54
N HIS C 141 30.46 1.35 30.46
CA HIS C 141 29.46 1.92 29.55
C HIS C 141 29.14 3.35 29.94
N LEU C 142 28.94 4.20 28.94
CA LEU C 142 28.60 5.61 29.19
C LEU C 142 27.10 5.86 29.32
N GLY C 143 26.29 4.81 29.37
CA GLY C 143 24.85 4.98 29.42
C GLY C 143 24.16 3.74 28.88
N ILE C 144 22.85 3.91 28.63
CA ILE C 144 21.98 2.82 28.21
C ILE C 144 21.32 3.18 26.89
N GLN C 145 21.06 2.17 26.06
CA GLN C 145 20.12 2.30 24.94
C GLN C 145 18.97 1.34 25.15
N ILE C 146 17.74 1.85 25.05
CA ILE C 146 16.57 0.99 25.19
C ILE C 146 15.75 1.09 23.91
N GLY C 147 14.90 0.08 23.72
CA GLY C 147 13.85 0.19 22.74
C GLY C 147 12.79 1.18 23.19
N ASN C 148 12.08 1.75 22.22
CA ASN C 148 11.12 2.79 22.60
C ASN C 148 9.87 2.24 23.26
N HIS C 149 9.63 0.92 23.17
CA HIS C 149 8.46 0.31 23.78
C HIS C 149 8.75 -1.15 24.07
N LEU C 150 7.85 -1.78 24.81
CA LEU C 150 7.92 -3.18 25.18
C LEU C 150 6.57 -3.79 24.88
N GLY C 151 6.41 -4.29 23.65
CA GLY C 151 5.10 -4.77 23.26
C GLY C 151 4.12 -3.63 23.32
N ASP C 152 2.97 -3.88 23.96
CA ASP C 152 1.92 -2.87 24.12
C ASP C 152 2.21 -1.89 25.25
N LYS C 153 3.41 -1.95 25.83
CA LYS C 153 3.81 -1.05 26.90
C LYS C 153 4.67 0.05 26.31
N ASP C 154 4.15 1.28 26.35
CA ASP C 154 4.89 2.46 25.91
C ASP C 154 5.48 3.16 27.14
N LEU C 155 6.26 4.22 26.90
CA LEU C 155 7.06 4.81 27.97
C LEU C 155 6.22 5.39 29.11
N ASP C 156 4.91 5.61 28.94
CA ASP C 156 4.06 6.01 30.06
C ASP C 156 3.87 4.89 31.07
N ASP C 157 4.18 3.66 30.70
CA ASP C 157 3.96 2.55 31.62
C ASP C 157 4.79 2.73 32.87
N ALA C 158 4.19 2.44 34.02
CA ALA C 158 4.85 2.68 35.30
C ALA C 158 6.19 1.95 35.39
N THR C 159 6.25 0.75 34.81
CA THR C 159 7.47 -0.06 34.84
C THR C 159 8.60 0.64 34.10
N LEU C 160 8.30 1.22 32.94
CA LEU C 160 9.33 1.90 32.17
C LEU C 160 9.66 3.26 32.78
N GLU C 161 8.66 3.95 33.34
CA GLU C 161 8.96 5.18 34.04
C GLU C 161 9.89 4.93 35.22
N ALA C 162 9.63 3.85 35.96
CA ALA C 162 10.49 3.49 37.10
C ALA C 162 11.93 3.25 36.66
N PHE C 163 12.14 2.59 35.50
CA PHE C 163 13.49 2.43 35.00
C PHE C 163 14.07 3.78 34.63
N LEU C 164 13.27 4.63 34.02
CA LEU C 164 13.74 5.97 33.66
C LEU C 164 14.17 6.75 34.91
N THR C 165 13.40 6.62 36.00
CA THR C 165 13.75 7.34 37.20
C THR C 165 15.03 6.78 37.81
N HIS C 166 15.21 5.46 37.76
CA HIS C 166 16.45 4.86 38.25
C HIS C 166 17.66 5.49 37.58
N CYS C 167 17.67 5.53 36.24
CA CYS C 167 18.82 6.13 35.55
C CYS C 167 18.95 7.61 35.84
N ALA C 168 17.85 8.30 36.12
CA ALA C 168 17.96 9.71 36.49
C ALA C 168 18.72 9.87 37.79
N ASN C 169 18.28 9.17 38.83
CA ASN C 169 18.94 9.25 40.14
C ASN C 169 20.40 8.85 40.03
N GLU C 170 20.66 7.69 39.43
CA GLU C 170 22.03 7.19 39.31
C GLU C 170 22.82 7.90 38.21
N ASP C 171 22.31 9.00 37.67
CA ASP C 171 23.01 9.82 36.69
C ASP C 171 23.46 9.00 35.48
N ILE C 172 22.57 8.13 34.99
CA ILE C 172 22.84 7.26 33.85
C ILE C 172 22.07 7.80 32.64
N PRO C 173 22.75 8.26 31.60
CA PRO C 173 22.04 8.74 30.40
C PRO C 173 21.40 7.61 29.60
N ILE C 174 20.36 7.96 28.85
CA ILE C 174 19.57 6.97 28.11
C ILE C 174 19.39 7.42 26.66
N LEU C 175 19.58 6.49 25.73
CA LEU C 175 19.25 6.67 24.32
C LEU C 175 18.07 5.77 23.99
N VAL C 176 17.00 6.37 23.47
CA VAL C 176 15.79 5.64 23.10
C VAL C 176 15.83 5.41 21.60
N HIS C 177 15.63 4.16 21.18
CA HIS C 177 15.70 3.79 19.78
C HIS C 177 14.39 3.12 19.37
N PRO C 178 13.79 3.50 18.24
CA PRO C 178 12.59 2.80 17.77
C PRO C 178 12.91 1.37 17.38
N TRP C 179 12.05 0.45 17.76
CA TRP C 179 12.20 -0.95 17.39
C TRP C 179 10.84 -1.63 17.45
N ASP C 180 10.78 -2.86 16.92
CA ASP C 180 9.56 -3.67 16.94
C ASP C 180 8.37 -2.86 16.41
N MET C 181 8.54 -2.32 15.20
CA MET C 181 7.67 -1.28 14.69
C MET C 181 6.21 -1.72 14.61
N MET C 182 5.31 -0.78 14.89
CA MET C 182 3.90 -0.98 14.62
C MET C 182 3.68 -1.10 13.12
N GLY C 183 2.50 -1.56 12.76
CA GLY C 183 2.14 -1.59 11.35
C GLY C 183 1.53 -2.91 10.97
N GLY C 184 1.94 -3.97 11.67
CA GLY C 184 1.31 -5.26 11.47
C GLY C 184 1.52 -5.76 10.06
N GLN C 185 0.44 -6.16 9.41
CA GLN C 185 0.54 -6.76 8.10
C GLN C 185 0.73 -5.75 6.99
N ARG C 186 0.84 -4.45 7.29
CA ARG C 186 1.09 -3.48 6.25
C ARG C 186 2.59 -3.20 6.16
N MET C 187 2.96 -2.33 5.21
CA MET C 187 4.35 -1.85 5.10
C MET C 187 5.34 -3.00 4.82
N LYS C 188 5.00 -3.85 3.85
CA LYS C 188 5.85 -4.99 3.51
C LYS C 188 6.94 -4.66 2.49
N LYS C 189 6.87 -3.54 1.79
CA LYS C 189 7.85 -3.27 0.73
C LYS C 189 8.55 -1.93 0.94
N TRP C 190 9.64 -1.76 0.19
CA TRP C 190 10.40 -0.50 0.09
C TRP C 190 10.85 0.04 1.45
N MET C 191 11.06 -0.85 2.42
CA MET C 191 11.50 -0.48 3.77
C MET C 191 10.57 0.59 4.36
N LEU C 192 9.27 0.44 4.10
CA LEU C 192 8.29 1.33 4.74
C LEU C 192 8.38 1.32 6.27
N PRO C 193 8.62 0.19 6.97
CA PRO C 193 8.75 0.27 8.43
C PRO C 193 9.84 1.24 8.88
N ALA C 194 10.92 1.34 8.12
CA ALA C 194 11.98 2.26 8.51
C ALA C 194 11.63 3.70 8.19
N LEU C 195 10.79 3.90 7.18
CA LEU C 195 10.46 5.24 6.69
C LEU C 195 9.25 5.83 7.38
N VAL C 196 8.27 4.99 7.71
CA VAL C 196 7.01 5.41 8.30
C VAL C 196 6.92 5.00 9.76
N ALA C 197 7.21 3.73 10.06
CA ALA C 197 6.89 3.27 11.40
C ALA C 197 7.93 3.70 12.44
N MET C 198 9.22 3.69 12.08
CA MET C 198 10.25 4.13 13.02
C MET C 198 10.04 5.58 13.47
N PRO C 199 9.89 6.56 12.58
CA PRO C 199 9.57 7.93 13.04
C PRO C 199 8.36 8.01 13.93
N ALA C 200 7.31 7.22 13.63
CA ALA C 200 6.08 7.32 14.41
C ALA C 200 6.26 6.67 15.78
N GLU C 201 7.04 5.59 15.84
CA GLU C 201 7.35 4.96 17.12
C GLU C 201 8.06 5.93 18.07
N THR C 202 9.04 6.66 17.55
CA THR C 202 9.78 7.61 18.38
C THR C 202 8.89 8.77 18.83
N GLN C 203 8.11 9.32 17.90
CA GLN C 203 7.12 10.33 18.30
C GLN C 203 6.22 9.80 19.41
N LEU C 204 5.69 8.59 19.25
CA LEU C 204 4.79 8.03 20.26
C LEU C 204 5.48 7.95 21.63
N ALA C 205 6.77 7.61 21.64
CA ALA C 205 7.47 7.44 22.90
C ALA C 205 7.64 8.78 23.63
N ILE C 206 7.95 9.84 22.87
CA ILE C 206 8.07 11.17 23.45
C ILE C 206 6.72 11.66 23.97
N LEU C 207 5.66 11.49 23.16
CA LEU C 207 4.34 11.95 23.58
C LEU C 207 3.80 11.11 24.72
N SER C 208 4.18 9.84 24.81
CA SER C 208 3.76 9.04 25.94
C SER C 208 4.33 9.59 27.25
N LEU C 209 5.59 10.05 27.21
CA LEU C 209 6.15 10.70 28.39
C LEU C 209 5.44 12.02 28.68
N ILE C 210 5.35 12.89 27.67
CA ILE C 210 4.79 14.24 27.88
C ILE C 210 3.34 14.17 28.33
N LEU C 211 2.48 13.53 27.50
CA LEU C 211 1.05 13.56 27.75
C LEU C 211 0.65 12.72 28.97
N SER C 212 1.48 11.78 29.40
CA SER C 212 1.16 11.07 30.64
C SER C 212 1.52 11.85 31.89
N GLY C 213 2.23 12.97 31.75
CA GLY C 213 2.74 13.66 32.91
C GLY C 213 3.96 13.03 33.55
N ALA C 214 4.67 12.16 32.81
CA ALA C 214 5.83 11.48 33.38
C ALA C 214 6.95 12.46 33.68
N PHE C 215 7.11 13.51 32.87
CA PHE C 215 8.13 14.51 33.15
C PHE C 215 7.83 15.32 34.40
N GLU C 216 6.57 15.34 34.84
CA GLU C 216 6.25 15.94 36.12
C GLU C 216 6.73 15.10 37.28
N ARG C 217 6.93 13.81 37.06
CA ARG C 217 7.37 12.87 38.09
C ARG C 217 8.83 12.44 37.95
N ILE C 218 9.35 12.34 36.74
CA ILE C 218 10.74 11.94 36.54
C ILE C 218 11.65 13.13 36.88
N PRO C 219 12.70 12.93 37.69
CA PRO C 219 13.58 14.05 38.06
C PRO C 219 14.22 14.72 36.85
N LYS C 220 14.39 16.05 36.96
CA LYS C 220 15.00 16.83 35.90
C LYS C 220 16.42 16.38 35.58
N SER C 221 17.04 15.60 36.47
CA SER C 221 18.39 15.10 36.22
C SER C 221 18.42 14.06 35.09
N LEU C 222 17.28 13.48 34.73
CA LEU C 222 17.26 12.52 33.63
C LEU C 222 17.81 13.16 32.36
N LYS C 223 18.82 12.51 31.79
CA LYS C 223 19.37 12.88 30.49
C LYS C 223 18.94 11.79 29.51
N ILE C 224 18.06 12.15 28.58
CA ILE C 224 17.46 11.17 27.68
C ILE C 224 17.43 11.75 26.28
N CYS C 225 17.81 10.93 25.30
CA CYS C 225 17.93 11.37 23.92
C CYS C 225 17.13 10.42 23.04
N PHE C 226 16.49 10.93 22.01
CA PHE C 226 15.65 10.12 21.12
C PHE C 226 16.27 10.05 19.73
N GLY C 227 16.31 8.84 19.16
CA GLY C 227 16.96 8.66 17.87
C GLY C 227 16.21 9.31 16.72
N HIS C 228 16.95 9.56 15.65
CA HIS C 228 16.41 10.06 14.38
C HIS C 228 15.68 11.39 14.56
N GLY C 229 16.28 12.31 15.30
CA GLY C 229 15.68 13.62 15.48
C GLY C 229 14.42 13.63 16.32
N GLY C 230 14.09 12.55 17.01
CA GLY C 230 12.79 12.44 17.63
C GLY C 230 11.70 11.99 16.68
N GLY C 231 12.07 11.38 15.54
CA GLY C 231 11.07 10.96 14.58
C GLY C 231 10.33 12.16 14.01
N SER C 232 9.00 12.11 14.05
CA SER C 232 8.20 13.19 13.52
C SER C 232 7.74 14.16 14.60
N PHE C 233 8.22 14.00 15.84
CA PHE C 233 7.75 14.80 16.98
C PHE C 233 7.80 16.30 16.71
N ALA C 234 8.95 16.82 16.25
CA ALA C 234 9.10 18.27 16.09
C ALA C 234 8.14 18.84 15.06
N PHE C 235 7.90 18.12 13.97
CA PHE C 235 7.01 18.67 12.94
C PHE C 235 5.56 18.66 13.38
N LEU C 236 5.16 17.65 14.15
CA LEU C 236 3.77 17.43 14.54
C LEU C 236 3.44 18.05 15.89
N LEU C 237 4.35 18.84 16.44
CA LEU C 237 4.14 19.40 17.77
C LEU C 237 2.98 20.40 17.77
N GLY C 238 2.87 21.23 16.73
CA GLY C 238 1.75 22.16 16.65
C GLY C 238 0.39 21.47 16.71
N ARG C 239 0.26 20.34 15.99
CA ARG C 239 -0.95 19.54 16.04
C ARG C 239 -1.23 19.05 17.46
N VAL C 240 -0.19 18.62 18.18
CA VAL C 240 -0.35 18.17 19.56
C VAL C 240 -0.85 19.31 20.46
N ASP C 241 -0.18 20.47 20.37
CA ASP C 241 -0.55 21.61 21.23
C ASP C 241 -2.00 22.02 20.99
N ASN C 242 -2.40 22.09 19.72
CA ASN C 242 -3.77 22.43 19.38
C ASN C 242 -4.76 21.43 19.96
N ALA C 243 -4.43 20.14 19.92
CA ALA C 243 -5.30 19.14 20.51
C ALA C 243 -5.39 19.33 22.02
N TRP C 244 -4.24 19.57 22.66
CA TRP C 244 -4.23 19.83 24.09
C TRP C 244 -5.09 21.05 24.44
N ARG C 245 -5.03 22.11 23.64
CA ARG C 245 -5.86 23.28 23.94
C ARG C 245 -7.36 23.02 23.84
N HIS C 246 -7.78 22.03 23.03
CA HIS C 246 -9.20 21.89 22.71
C HIS C 246 -9.87 20.61 23.19
N ARG C 247 -9.15 19.68 23.81
CA ARG C 247 -9.77 18.46 24.31
C ARG C 247 -9.26 18.19 25.72
N ASP C 248 -10.19 18.14 26.68
CA ASP C 248 -9.76 17.95 28.07
C ASP C 248 -9.11 16.58 28.28
N ILE C 249 -9.45 15.59 27.47
CA ILE C 249 -8.82 14.29 27.67
C ILE C 249 -7.36 14.30 27.25
N VAL C 250 -6.95 15.28 26.44
CA VAL C 250 -5.52 15.42 26.12
C VAL C 250 -4.76 16.09 27.25
N ARG C 251 -5.46 16.84 28.12
CA ARG C 251 -4.84 17.63 29.20
C ARG C 251 -4.85 16.92 30.53
N GLU C 252 -5.53 15.77 30.63
CA GLU C 252 -5.87 15.19 31.93
C GLU C 252 -4.64 15.03 32.82
N ASP C 253 -3.51 14.62 32.23
CA ASP C 253 -2.29 14.33 32.97
C ASP C 253 -1.13 15.23 32.59
N CYS C 254 -1.34 16.20 31.70
CA CYS C 254 -0.28 17.07 31.21
C CYS C 254 -0.65 18.52 31.50
N PRO C 255 -0.12 19.11 32.58
CA PRO C 255 -0.66 20.39 33.08
C PRO C 255 -0.20 21.63 32.35
N ARG C 256 0.78 21.52 31.46
CA ARG C 256 1.27 22.63 30.66
C ARG C 256 1.18 22.26 29.20
N PRO C 257 1.30 23.21 28.28
CA PRO C 257 1.34 22.87 26.86
C PRO C 257 2.44 21.86 26.56
N PRO C 258 2.12 20.81 25.81
CA PRO C 258 3.13 19.78 25.52
C PRO C 258 4.44 20.29 24.94
N SER C 259 4.43 21.32 24.10
CA SER C 259 5.68 21.83 23.53
C SER C 259 6.64 22.38 24.57
N GLU C 260 6.15 22.70 25.77
CA GLU C 260 7.04 23.27 26.77
C GLU C 260 7.94 22.23 27.42
N TYR C 261 7.79 20.95 27.08
CA TYR C 261 8.60 19.92 27.70
C TYR C 261 9.83 19.55 26.87
N VAL C 262 10.16 20.35 25.85
CA VAL C 262 11.34 20.08 25.05
C VAL C 262 12.63 20.36 25.81
N ASP C 263 12.54 20.95 27.01
CA ASP C 263 13.73 21.14 27.83
C ASP C 263 13.99 19.95 28.75
N ARG C 264 13.28 18.84 28.54
CA ARG C 264 13.46 17.65 29.34
C ARG C 264 14.09 16.50 28.57
N PHE C 265 14.48 16.69 27.31
CA PHE C 265 15.06 15.59 26.55
C PHE C 265 15.88 16.15 25.39
N PHE C 266 16.58 15.24 24.71
CA PHE C 266 17.49 15.55 23.62
C PHE C 266 17.09 14.71 22.40
N VAL C 267 17.58 15.08 21.24
CA VAL C 267 17.43 14.27 20.04
C VAL C 267 18.76 14.26 19.29
N ASP C 268 18.96 13.23 18.46
CA ASP C 268 20.07 13.30 17.54
C ASP C 268 19.68 14.12 16.31
N SER C 269 20.65 14.36 15.43
CA SER C 269 20.46 15.26 14.30
C SER C 269 20.15 14.54 12.99
N ALA C 270 19.88 13.24 13.03
CA ALA C 270 19.75 12.46 11.80
C ALA C 270 18.37 12.68 11.19
N VAL C 271 18.22 13.77 10.47
CA VAL C 271 16.99 14.05 9.73
C VAL C 271 17.21 14.21 8.23
N PHE C 272 18.47 14.22 7.77
CA PHE C 272 18.79 14.04 6.35
C PHE C 272 18.24 15.15 5.45
N ASN C 273 18.05 16.35 6.00
CA ASN C 273 17.51 17.43 5.18
C ASN C 273 17.75 18.76 5.89
N PRO C 274 18.19 19.79 5.16
CA PRO C 274 18.53 21.05 5.84
C PRO C 274 17.34 21.70 6.51
N GLY C 275 16.23 21.89 5.79
CA GLY C 275 15.06 22.52 6.37
C GLY C 275 14.55 21.77 7.59
N ALA C 276 14.62 20.45 7.55
CA ALA C 276 14.22 19.64 8.70
C ALA C 276 15.16 19.88 9.89
N LEU C 277 16.46 19.97 9.63
CA LEU C 277 17.40 20.20 10.72
C LEU C 277 17.16 21.57 11.36
N GLU C 278 16.93 22.59 10.54
CA GLU C 278 16.66 23.93 11.05
C GLU C 278 15.39 23.97 11.87
N LEU C 279 14.36 23.22 11.45
CA LEU C 279 13.14 23.14 12.24
C LEU C 279 13.41 22.42 13.56
N LEU C 280 14.17 21.32 13.51
CA LEU C 280 14.45 20.57 14.72
C LEU C 280 15.19 21.44 15.74
N VAL C 281 16.18 22.20 15.27
CA VAL C 281 16.95 23.05 16.18
C VAL C 281 16.10 24.21 16.68
N SER C 282 15.20 24.73 15.83
CA SER C 282 14.27 25.74 16.28
C SER C 282 13.38 25.24 17.41
N VAL C 283 12.98 23.97 17.35
CA VAL C 283 12.09 23.44 18.38
C VAL C 283 12.86 23.04 19.63
N MET C 284 13.98 22.32 19.47
CA MET C 284 14.68 21.77 20.64
C MET C 284 15.73 22.70 21.22
N GLY C 285 16.26 23.62 20.43
CA GLY C 285 17.39 24.45 20.82
C GLY C 285 18.72 23.81 20.44
N GLU C 286 19.71 24.67 20.16
CA GLU C 286 21.02 24.20 19.72
C GLU C 286 21.73 23.39 20.78
N ASP C 287 21.26 23.42 22.02
CA ASP C 287 21.88 22.65 23.11
C ASP C 287 21.30 21.25 23.25
N ARG C 288 20.23 20.89 22.54
CA ARG C 288 19.59 19.60 22.78
C ARG C 288 19.55 18.71 21.54
N VAL C 289 20.35 19.04 20.53
CA VAL C 289 20.48 18.27 19.29
C VAL C 289 21.94 17.79 19.19
N MET C 290 22.14 16.47 19.10
CA MET C 290 23.47 15.86 19.07
C MET C 290 23.71 15.15 17.75
N LEU C 291 24.93 15.26 17.22
CA LEU C 291 25.26 14.62 15.95
C LEU C 291 25.16 13.11 16.09
N GLY C 292 24.43 12.51 15.17
CA GLY C 292 24.31 11.06 15.13
C GLY C 292 24.19 10.62 13.69
N SER C 293 24.66 9.41 13.42
CA SER C 293 24.84 8.93 12.05
C SER C 293 24.06 7.67 11.71
N ASP C 294 23.79 6.81 12.68
CA ASP C 294 23.25 5.47 12.45
C ASP C 294 24.23 4.60 11.67
N TYR C 295 25.52 4.90 11.83
CA TYR C 295 26.59 4.08 11.28
C TYR C 295 26.53 2.67 11.86
N PRO C 296 26.77 1.62 11.06
CA PRO C 296 27.14 1.65 9.64
C PRO C 296 26.03 1.17 8.71
N PHE C 297 24.78 1.48 9.05
CA PHE C 297 23.70 0.93 8.24
C PHE C 297 23.44 1.83 7.02
N PRO C 298 22.98 1.24 5.91
CA PRO C 298 22.78 2.05 4.69
C PRO C 298 21.78 3.18 4.84
N LEU C 299 20.80 3.06 5.74
CA LEU C 299 19.85 4.15 5.93
C LEU C 299 20.38 5.24 6.85
N GLY C 300 21.67 5.20 7.18
CA GLY C 300 22.32 6.24 7.94
C GLY C 300 22.92 7.30 7.04
N GLU C 301 23.61 8.25 7.66
CA GLU C 301 24.23 9.36 6.94
C GLU C 301 25.60 8.90 6.44
N GLN C 302 25.82 9.01 5.13
CA GLN C 302 27.03 8.45 4.54
C GLN C 302 28.26 9.28 4.87
N LYS C 303 28.18 10.60 4.70
CA LYS C 303 29.25 11.51 5.10
C LYS C 303 28.85 12.06 6.47
N ILE C 304 29.24 11.33 7.52
CA ILE C 304 28.89 11.63 8.91
C ILE C 304 29.16 13.10 9.21
N GLY C 305 28.13 13.82 9.66
CA GLY C 305 28.24 15.22 9.94
C GLY C 305 28.11 16.15 8.75
N GLY C 306 27.97 15.61 7.54
CA GLY C 306 27.86 16.48 6.37
C GLY C 306 26.70 17.45 6.45
N LEU C 307 25.52 16.98 6.87
CA LEU C 307 24.34 17.84 6.91
C LEU C 307 24.53 18.99 7.89
N VAL C 308 24.99 18.70 9.10
CA VAL C 308 25.20 19.76 10.07
C VAL C 308 26.30 20.71 9.60
N LEU C 309 27.38 20.15 9.05
CA LEU C 309 28.53 20.98 8.66
C LEU C 309 28.15 21.92 7.52
N SER C 310 27.35 21.45 6.58
CA SER C 310 26.94 22.27 5.44
C SER C 310 25.80 23.21 5.77
N SER C 311 25.26 23.18 6.99
CA SER C 311 24.10 23.98 7.34
C SER C 311 24.44 25.45 7.49
N ASN C 312 23.41 26.28 7.62
CA ASN C 312 23.59 27.69 7.89
C ASN C 312 23.28 28.03 9.35
N LEU C 313 23.34 27.05 10.25
CA LEU C 313 23.37 27.38 11.66
C LEU C 313 24.71 28.03 11.98
N GLY C 314 24.75 28.78 13.08
CA GLY C 314 26.00 29.39 13.50
C GLY C 314 27.07 28.33 13.74
N GLU C 315 28.33 28.72 13.55
CA GLU C 315 29.38 27.75 13.83
C GLU C 315 29.40 27.39 15.30
N SER C 316 28.96 28.31 16.16
CA SER C 316 28.77 27.97 17.57
C SER C 316 27.73 26.87 17.75
N ALA C 317 26.59 27.02 17.07
CA ALA C 317 25.57 25.96 17.07
C ALA C 317 26.12 24.68 16.47
N LYS C 318 26.80 24.79 15.33
CA LYS C 318 27.43 23.62 14.71
C LYS C 318 28.39 22.92 15.68
N ASP C 319 29.21 23.70 16.38
CA ASP C 319 30.16 23.12 17.32
C ASP C 319 29.46 22.42 18.47
N LYS C 320 28.31 22.94 18.91
CA LYS C 320 27.54 22.24 19.94
C LYS C 320 27.00 20.91 19.42
N ILE C 321 26.43 20.92 18.21
CA ILE C 321 25.81 19.71 17.65
C ILE C 321 26.83 18.60 17.49
N ILE C 322 28.01 18.94 16.95
CA ILE C 322 28.94 17.90 16.51
C ILE C 322 29.85 17.40 17.61
N SER C 323 29.89 18.04 18.78
CA SER C 323 30.77 17.61 19.86
CA SER C 323 30.76 17.60 19.87
C SER C 323 30.30 18.12 21.22
N GLY C 324 30.00 19.41 21.31
CA GLY C 324 29.64 20.05 22.56
C GLY C 324 28.59 19.33 23.39
N ASN C 325 27.42 19.09 22.80
CA ASN C 325 26.31 18.53 23.57
C ASN C 325 26.59 17.10 23.99
N ALA C 326 27.13 16.29 23.07
CA ALA C 326 27.40 14.89 23.41
C ALA C 326 28.51 14.78 24.44
N SER C 327 29.55 15.60 24.31
CA SER C 327 30.65 15.53 25.27
C SER C 327 30.17 15.88 26.67
N LYS C 328 29.07 16.62 26.80
CA LYS C 328 28.46 16.90 28.10
C LYS C 328 27.38 15.87 28.46
N PHE C 329 26.58 15.44 27.47
CA PHE C 329 25.54 14.46 27.74
C PHE C 329 26.14 13.14 28.21
N PHE C 330 27.20 12.67 27.56
CA PHE C 330 27.81 11.41 27.95
C PHE C 330 29.03 11.56 28.86
N ASN C 331 29.45 12.80 29.11
CA ASN C 331 30.71 13.15 29.76
C ASN C 331 31.90 12.51 29.05
N ILE C 332 32.30 13.11 27.94
CA ILE C 332 33.42 12.66 27.11
C ILE C 332 34.36 13.85 26.96
N ASN C 333 35.58 13.72 27.47
CA ASN C 333 36.49 14.85 27.49
C ASN C 333 37.83 14.52 26.83
ZN ZN D . -10.29 -24.73 -24.59
ZN ZN E . -10.85 15.88 8.70
ZN ZN F . 19.99 3.27 14.95
#